data_7VHC
#
_entry.id   7VHC
#
_cell.length_a   146.226
_cell.length_b   146.226
_cell.length_c   60.205
_cell.angle_alpha   90.000
_cell.angle_beta   90.000
_cell.angle_gamma   120.000
#
_symmetry.space_group_name_H-M   'P 61'
#
loop_
_entity.id
_entity.type
_entity.pdbx_description
1 polymer 'rRNA N-glycosylase'
2 polymer 'Shiga toxin 2 B subunit'
3 polymer 'inhibitor peptide, ALA-ARG-ARG-ARG-ARG-ALA'
4 non-polymer 3-PYRIDINIUM-1-YLPROPANE-1-SULFONATE
5 water water
#
loop_
_entity_poly.entity_id
_entity_poly.type
_entity_poly.pdbx_seq_one_letter_code
_entity_poly.pdbx_strand_id
1 'polypeptide(L)'
;REFTIDFSTQQSYVSSLNSIRTEISTPLEHISQGTTSVSVINHTPPGSYFAVDIRGLDVYQARFDHLRLIIEQNNLYVAG
FVNTATNTFYRFSDFTHISVPGVTTVSMTTDSSYTTLQRVAALERSGMQISRHSLVSSYLALMEFSGNTMTRDASRAVLR
FVTVTAEALRFRQIQREFRQALSETAPVYTMTPGDVDLTLNWGRISNVLPEYRGEDGVRVGRISFNNISAILGTVAVILN
CHHQGARSVRAVNEESQPECQITGDRPVIKINNTLWESNTAAAFLNRKSQFLYTTGK
;
A
2 'polypeptide(L)' ADCAKGKIEFSKYNEDDTFTVKVDGKEYWTSRWNLQPLLQSAQLTGMTVTIKSSTCESGSGFAEVQFNND B,C,D,E,F
3 'polypeptide(L)' ARRRRA(NH2) G
#
# COMPACT_ATOMS: atom_id res chain seq x y z
N ARG A 1 30.25 7.26 15.35
CA ARG A 1 30.02 5.93 15.91
C ARG A 1 30.33 4.87 14.87
N GLU A 2 31.10 3.85 15.26
CA GLU A 2 31.45 2.79 14.34
C GLU A 2 31.09 1.44 14.94
N PHE A 3 30.59 0.56 14.10
CA PHE A 3 30.23 -0.78 14.50
C PHE A 3 30.81 -1.75 13.49
N THR A 4 31.05 -2.98 13.94
CA THR A 4 31.47 -4.03 13.03
C THR A 4 30.29 -4.95 12.76
N ILE A 5 30.10 -5.33 11.50
CA ILE A 5 29.24 -6.47 11.20
C ILE A 5 30.15 -7.61 10.75
N ASP A 6 30.18 -8.66 11.54
CA ASP A 6 31.09 -9.78 11.35
C ASP A 6 30.32 -10.96 10.75
N PHE A 7 30.67 -11.34 9.52
CA PHE A 7 30.00 -12.41 8.80
C PHE A 7 30.59 -13.79 9.06
N SER A 8 31.45 -13.94 10.07
CA SER A 8 32.16 -15.21 10.26
C SER A 8 31.19 -16.37 10.47
N THR A 9 30.22 -16.19 11.34
CA THR A 9 29.26 -17.24 11.68
C THR A 9 27.88 -16.61 11.83
N GLN A 10 26.85 -17.45 11.93
CA GLN A 10 25.53 -16.91 12.21
C GLN A 10 25.52 -16.19 13.55
N GLN A 11 26.20 -16.76 14.55
CA GLN A 11 26.34 -16.11 15.85
C GLN A 11 26.97 -14.73 15.73
N SER A 12 28.14 -14.64 15.06
CA SER A 12 28.83 -13.35 15.03
C SER A 12 28.00 -12.33 14.26
N TYR A 13 27.32 -12.78 13.21
CA TYR A 13 26.49 -11.88 12.40
C TYR A 13 25.31 -11.34 13.19
N VAL A 14 24.51 -12.23 13.78
CA VAL A 14 23.35 -11.78 14.54
C VAL A 14 23.79 -10.95 15.73
N SER A 15 24.87 -11.36 16.40
CA SER A 15 25.38 -10.54 17.50
C SER A 15 25.70 -9.13 17.04
N SER A 16 26.37 -9.01 15.90
CA SER A 16 26.71 -7.69 15.35
C SER A 16 25.46 -6.85 15.14
N LEU A 17 24.45 -7.44 14.50
CA LEU A 17 23.25 -6.67 14.20
C LEU A 17 22.56 -6.25 15.50
N ASN A 18 22.44 -7.17 16.45
CA ASN A 18 21.80 -6.85 17.72
C ASN A 18 22.52 -5.72 18.45
N SER A 19 23.86 -5.71 18.42
CA SER A 19 24.59 -4.64 19.09
C SER A 19 24.30 -3.29 18.46
N ILE A 20 24.28 -3.25 17.12
CA ILE A 20 23.93 -2.00 16.44
C ILE A 20 22.54 -1.54 16.88
N ARG A 21 21.56 -2.44 16.79
CA ARG A 21 20.20 -2.07 17.13
C ARG A 21 20.11 -1.53 18.55
N THR A 22 20.78 -2.20 19.49
CA THR A 22 20.74 -1.74 20.88
C THR A 22 21.28 -0.32 20.99
N GLU A 23 22.34 0.00 20.24
CA GLU A 23 22.94 1.31 20.40
C GLU A 23 22.10 2.41 19.76
N ILE A 24 21.43 2.12 18.64
CA ILE A 24 20.84 3.20 17.84
C ILE A 24 19.34 3.32 17.99
N SER A 25 18.70 2.46 18.78
CA SER A 25 17.24 2.42 18.79
C SER A 25 16.73 2.03 20.17
N THR A 26 15.42 2.27 20.37
CA THR A 26 14.78 1.99 21.66
C THR A 26 13.53 1.14 21.47
N PRO A 27 13.37 0.05 22.24
CA PRO A 27 12.21 -0.83 22.03
C PRO A 27 10.89 -0.10 22.19
N LEU A 28 9.93 -0.49 21.35
CA LEU A 28 8.54 -0.13 21.58
C LEU A 28 8.04 -0.81 22.85
N GLU A 29 7.36 -0.04 23.70
CA GLU A 29 6.76 -0.60 24.91
C GLU A 29 5.92 -1.84 24.60
N HIS A 30 5.14 -1.81 23.52
CA HIS A 30 4.12 -2.82 23.29
C HIS A 30 4.55 -3.91 22.32
N ILE A 31 5.79 -3.87 21.82
CA ILE A 31 6.27 -4.92 20.93
C ILE A 31 7.67 -5.29 21.38
N SER A 32 7.79 -5.92 22.54
CA SER A 32 9.09 -6.19 23.14
C SER A 32 8.96 -7.44 24.00
N GLN A 33 9.86 -8.39 23.79
CA GLN A 33 9.98 -9.58 24.63
C GLN A 33 11.44 -9.79 24.95
N GLY A 34 11.77 -9.93 26.24
CA GLY A 34 13.19 -10.02 26.56
C GLY A 34 13.91 -8.83 26.01
N THR A 35 15.03 -9.08 25.33
CA THR A 35 15.75 -8.03 24.60
C THR A 35 15.56 -8.17 23.09
N THR A 36 14.42 -8.70 22.65
CA THR A 36 14.08 -8.84 21.24
C THR A 36 12.81 -8.03 21.01
N SER A 37 12.92 -6.95 20.22
N SER A 37 12.91 -6.97 20.21
CA SER A 37 11.81 -6.02 20.11
CA SER A 37 11.80 -6.05 20.08
C SER A 37 11.74 -5.45 18.70
C SER A 37 11.72 -5.50 18.67
N VAL A 38 10.66 -4.73 18.44
CA VAL A 38 10.62 -3.75 17.37
C VAL A 38 11.06 -2.46 18.05
N SER A 39 12.15 -1.87 17.57
N SER A 39 12.12 -1.84 17.55
CA SER A 39 12.71 -0.68 18.19
CA SER A 39 12.68 -0.67 18.19
C SER A 39 12.63 0.51 17.23
C SER A 39 12.63 0.51 17.23
N VAL A 40 12.56 1.70 17.81
CA VAL A 40 12.44 2.94 17.07
C VAL A 40 13.81 3.61 17.07
N ILE A 41 14.29 4.00 15.88
CA ILE A 41 15.58 4.68 15.81
C ILE A 41 15.56 5.94 16.66
N ASN A 42 16.52 6.05 17.59
CA ASN A 42 16.63 7.25 18.40
C ASN A 42 16.91 8.48 17.54
N HIS A 43 16.33 9.60 17.93
CA HIS A 43 16.51 10.79 17.12
C HIS A 43 17.98 11.22 17.10
N THR A 44 18.48 11.51 15.92
CA THR A 44 19.78 12.14 15.73
C THR A 44 19.57 13.33 14.80
N PRO A 45 20.46 14.32 14.86
CA PRO A 45 20.32 15.46 13.97
C PRO A 45 20.42 15.02 12.53
N PRO A 46 19.77 15.74 11.62
CA PRO A 46 19.90 15.40 10.19
C PRO A 46 21.36 15.47 9.76
N GLY A 47 21.78 14.48 8.99
CA GLY A 47 23.16 14.36 8.56
C GLY A 47 23.99 13.40 9.38
N SER A 48 23.50 12.97 10.54
CA SER A 48 24.24 12.03 11.38
C SER A 48 24.35 10.68 10.72
N TYR A 49 25.53 10.06 10.84
CA TYR A 49 25.74 8.74 10.27
C TYR A 49 26.46 7.88 11.30
N PHE A 50 26.44 6.58 11.07
CA PHE A 50 27.38 5.69 11.73
C PHE A 50 28.09 4.88 10.67
N ALA A 51 29.27 4.38 11.04
CA ALA A 51 30.09 3.58 10.15
C ALA A 51 29.91 2.10 10.48
N VAL A 52 29.90 1.26 9.45
CA VAL A 52 29.87 -0.19 9.62
C VAL A 52 31.11 -0.77 8.95
N ASP A 53 31.98 -1.38 9.75
CA ASP A 53 33.12 -2.10 9.19
C ASP A 53 32.70 -3.52 8.87
N ILE A 54 32.95 -3.96 7.63
CA ILE A 54 32.60 -5.31 7.20
C ILE A 54 33.73 -6.25 7.58
N ARG A 55 33.41 -7.31 8.32
CA ARG A 55 34.44 -8.27 8.74
C ARG A 55 33.94 -9.69 8.55
N GLY A 56 34.89 -10.62 8.59
CA GLY A 56 34.55 -12.02 8.61
C GLY A 56 34.03 -12.60 7.32
N LEU A 57 34.24 -11.92 6.18
CA LEU A 57 33.85 -12.53 4.90
C LEU A 57 34.56 -13.85 4.68
N ASP A 58 35.85 -13.90 5.03
CA ASP A 58 36.58 -15.15 5.20
C ASP A 58 36.57 -15.45 6.70
N VAL A 59 35.92 -16.55 7.07
CA VAL A 59 35.54 -16.84 8.46
C VAL A 59 36.70 -16.60 9.42
N TYR A 60 36.50 -15.67 10.36
CA TYR A 60 37.42 -15.38 11.45
C TYR A 60 38.80 -14.92 11.00
N GLN A 61 38.97 -14.52 9.74
CA GLN A 61 40.27 -14.11 9.20
C GLN A 61 40.32 -12.60 9.04
N ALA A 62 41.45 -12.00 9.41
CA ALA A 62 41.66 -10.57 9.21
C ALA A 62 42.16 -10.35 7.79
N ARG A 63 41.25 -10.57 6.84
CA ARG A 63 41.48 -10.22 5.45
C ARG A 63 40.13 -9.78 4.89
N PHE A 64 40.14 -9.29 3.66
CA PHE A 64 38.95 -8.67 3.07
C PHE A 64 38.36 -7.65 4.03
N ASP A 65 39.22 -6.83 4.62
CA ASP A 65 38.82 -6.02 5.77
C ASP A 65 38.94 -4.53 5.49
N HIS A 66 38.82 -4.11 4.23
CA HIS A 66 38.96 -2.70 3.87
C HIS A 66 37.65 -2.03 3.47
N LEU A 67 36.51 -2.68 3.66
CA LEU A 67 35.22 -2.11 3.29
C LEU A 67 34.50 -1.58 4.51
N ARG A 68 34.06 -0.33 4.42
CA ARG A 68 33.21 0.28 5.43
C ARG A 68 31.99 0.88 4.75
N LEU A 69 30.83 0.76 5.37
CA LEU A 69 29.61 1.39 4.86
C LEU A 69 29.29 2.61 5.71
N ILE A 70 28.83 3.67 5.07
CA ILE A 70 28.39 4.86 5.78
C ILE A 70 26.87 4.83 5.77
N ILE A 71 26.25 4.84 6.96
CA ILE A 71 24.82 4.64 7.10
C ILE A 71 24.24 5.86 7.77
N GLU A 72 23.31 6.53 7.08
CA GLU A 72 22.62 7.66 7.68
C GLU A 72 21.74 7.15 8.82
N GLN A 73 21.90 7.73 10.01
CA GLN A 73 21.42 7.04 11.20
C GLN A 73 19.90 7.08 11.30
N ASN A 74 19.29 8.21 10.91
CA ASN A 74 17.84 8.35 11.13
C ASN A 74 17.02 7.44 10.23
N ASN A 75 17.57 6.96 9.11
CA ASN A 75 16.79 6.19 8.16
C ASN A 75 17.48 4.91 7.72
N LEU A 76 18.68 4.63 8.21
CA LEU A 76 19.44 3.42 7.90
C LEU A 76 19.78 3.29 6.41
N TYR A 77 19.73 4.39 5.64
CA TYR A 77 20.15 4.30 4.25
C TYR A 77 21.66 4.20 4.17
N VAL A 78 22.16 3.37 3.26
CA VAL A 78 23.58 3.38 2.94
C VAL A 78 23.86 4.61 2.07
N ALA A 79 24.68 5.52 2.61
CA ALA A 79 25.01 6.76 1.90
C ALA A 79 26.15 6.56 0.92
N GLY A 80 26.88 5.47 1.07
CA GLY A 80 28.02 5.16 0.23
C GLY A 80 28.92 4.19 0.96
N PHE A 81 30.08 3.95 0.35
CA PHE A 81 31.03 2.98 0.88
C PHE A 81 32.43 3.58 0.87
N VAL A 82 33.23 3.16 1.86
CA VAL A 82 34.60 3.62 2.08
C VAL A 82 35.53 2.45 1.77
N ASN A 83 36.50 2.71 0.89
CA ASN A 83 37.68 1.88 0.71
C ASN A 83 38.70 2.43 1.70
N THR A 84 38.88 1.72 2.83
CA THR A 84 39.79 2.22 3.84
C THR A 84 41.25 2.04 3.43
N ALA A 85 41.52 1.24 2.40
CA ALA A 85 42.88 1.12 1.87
C ALA A 85 43.28 2.37 1.11
N THR A 86 42.36 2.95 0.33
CA THR A 86 42.64 4.18 -0.38
C THR A 86 42.11 5.40 0.35
N ASN A 87 41.47 5.20 1.51
CA ASN A 87 40.87 6.29 2.29
C ASN A 87 39.86 7.08 1.47
N THR A 88 39.02 6.38 0.69
CA THR A 88 38.09 7.04 -0.23
C THR A 88 36.65 6.66 0.07
N PHE A 89 35.80 7.68 0.20
CA PHE A 89 34.36 7.51 0.45
C PHE A 89 33.62 7.81 -0.85
N TYR A 90 33.05 6.77 -1.45
CA TYR A 90 32.21 6.89 -2.63
C TYR A 90 30.78 7.11 -2.17
N ARG A 91 30.25 8.30 -2.44
CA ARG A 91 29.01 8.77 -1.84
C ARG A 91 27.96 8.92 -2.92
N PHE A 92 26.79 8.34 -2.68
CA PHE A 92 25.70 8.43 -3.64
C PHE A 92 25.19 9.87 -3.75
N SER A 93 24.63 10.19 -4.91
CA SER A 93 24.26 11.57 -5.20
C SER A 93 23.17 12.09 -4.29
N ASP A 94 22.40 11.21 -3.66
CA ASP A 94 21.34 11.66 -2.77
C ASP A 94 21.80 11.83 -1.33
N PHE A 95 23.11 11.89 -1.10
CA PHE A 95 23.65 12.04 0.25
C PHE A 95 24.73 13.11 0.32
N THR A 96 24.63 14.15 -0.51
CA THR A 96 25.57 15.26 -0.43
C THR A 96 25.52 15.97 0.91
N HIS A 97 24.48 15.73 1.70
CA HIS A 97 24.41 16.30 3.05
C HIS A 97 25.14 15.47 4.09
N ILE A 98 25.67 14.30 3.72
CA ILE A 98 26.43 13.44 4.64
C ILE A 98 27.90 13.75 4.46
N SER A 99 28.51 14.34 5.48
CA SER A 99 29.91 14.71 5.46
C SER A 99 30.70 13.83 6.39
N VAL A 100 31.75 13.21 5.87
CA VAL A 100 32.61 12.31 6.63
C VAL A 100 34.01 12.90 6.72
N PRO A 101 34.49 13.26 7.90
CA PRO A 101 35.83 13.83 8.00
C PRO A 101 36.90 12.79 7.76
N GLY A 102 38.06 13.25 7.26
CA GLY A 102 39.25 12.44 7.19
C GLY A 102 39.41 11.63 5.93
N VAL A 103 38.35 11.42 5.18
CA VAL A 103 38.39 10.63 3.97
C VAL A 103 38.36 11.56 2.77
N THR A 104 38.81 11.08 1.63
CA THR A 104 38.52 11.74 0.37
C THR A 104 37.11 11.37 -0.05
N THR A 105 36.22 12.35 -0.17
CA THR A 105 34.85 12.08 -0.60
C THR A 105 34.77 12.18 -2.12
N VAL A 106 34.38 11.10 -2.77
CA VAL A 106 34.06 11.10 -4.19
C VAL A 106 32.54 11.19 -4.31
N SER A 107 32.04 12.33 -4.79
CA SER A 107 30.61 12.52 -4.99
C SER A 107 30.19 11.87 -6.29
N MET A 108 29.31 10.88 -6.20
CA MET A 108 28.96 10.10 -7.38
C MET A 108 27.77 10.71 -8.12
N THR A 109 27.73 10.44 -9.43
CA THR A 109 26.57 10.81 -10.23
C THR A 109 25.38 9.89 -9.96
N THR A 110 25.65 8.68 -9.50
CA THR A 110 24.61 7.66 -9.29
C THR A 110 23.88 7.92 -7.99
N ASP A 111 22.55 7.84 -8.01
CA ASP A 111 21.76 7.89 -6.79
C ASP A 111 21.56 6.48 -6.24
N SER A 112 21.13 6.41 -4.98
CA SER A 112 21.07 5.14 -4.26
C SER A 112 19.72 4.45 -4.33
N SER A 113 18.75 4.95 -5.11
CA SER A 113 17.46 4.26 -5.19
C SER A 113 17.65 2.84 -5.68
N TYR A 114 16.80 1.94 -5.19
CA TYR A 114 16.82 0.58 -5.71
C TYR A 114 16.52 0.55 -7.20
N THR A 115 15.66 1.45 -7.69
CA THR A 115 15.41 1.52 -9.12
C THR A 115 16.71 1.73 -9.90
N THR A 116 17.48 2.75 -9.51
CA THR A 116 18.74 3.01 -10.18
C THR A 116 19.71 1.85 -10.03
N LEU A 117 19.88 1.35 -8.80
CA LEU A 117 20.90 0.34 -8.56
C LEU A 117 20.60 -0.93 -9.31
N GLN A 118 19.33 -1.35 -9.33
CA GLN A 118 18.93 -2.53 -10.10
C GLN A 118 19.15 -2.33 -11.58
N ARG A 119 18.88 -1.13 -12.09
CA ARG A 119 19.12 -0.86 -13.50
C ARG A 119 20.61 -0.99 -13.84
N VAL A 120 21.45 -0.25 -13.10
CA VAL A 120 22.88 -0.26 -13.38
C VAL A 120 23.46 -1.65 -13.17
N ALA A 121 22.97 -2.36 -12.16
CA ALA A 121 23.45 -3.69 -11.84
C ALA A 121 22.95 -4.74 -12.81
N ALA A 122 21.95 -4.43 -13.63
CA ALA A 122 21.24 -5.45 -14.41
C ALA A 122 20.91 -6.65 -13.53
N LEU A 123 20.35 -6.36 -12.36
CA LEU A 123 20.06 -7.38 -11.36
C LEU A 123 18.83 -6.96 -10.59
N GLU A 124 17.78 -7.77 -10.63
CA GLU A 124 16.60 -7.53 -9.82
C GLU A 124 16.77 -8.14 -8.43
N ARG A 125 16.23 -7.45 -7.42
CA ARG A 125 16.35 -7.96 -6.06
C ARG A 125 15.48 -9.20 -5.85
N SER A 126 14.30 -9.23 -6.46
CA SER A 126 13.45 -10.40 -6.36
C SER A 126 14.12 -11.56 -7.09
N GLY A 127 14.56 -12.56 -6.33
CA GLY A 127 15.33 -13.65 -6.86
C GLY A 127 16.83 -13.48 -6.76
N MET A 128 17.31 -12.36 -6.23
CA MET A 128 18.75 -12.17 -6.19
C MET A 128 19.36 -13.11 -5.15
N GLN A 129 20.46 -13.75 -5.53
CA GLN A 129 21.12 -14.73 -4.70
C GLN A 129 22.27 -14.06 -3.96
N ILE A 130 22.42 -14.41 -2.68
CA ILE A 130 23.54 -13.94 -1.87
C ILE A 130 24.12 -15.14 -1.15
N SER A 131 25.44 -15.28 -1.24
CA SER A 131 26.18 -16.33 -0.55
C SER A 131 27.41 -15.69 0.05
N ARG A 132 28.10 -16.43 0.92
CA ARG A 132 29.42 -15.95 1.34
C ARG A 132 30.29 -15.67 0.11
N HIS A 133 30.26 -16.56 -0.88
CA HIS A 133 31.11 -16.38 -2.05
C HIS A 133 30.78 -15.08 -2.79
N SER A 134 29.50 -14.81 -3.01
CA SER A 134 29.17 -13.57 -3.71
C SER A 134 29.35 -12.34 -2.85
N LEU A 135 29.36 -12.47 -1.51
CA LEU A 135 29.76 -11.33 -0.71
C LEU A 135 31.24 -11.04 -0.85
N VAL A 136 32.07 -12.08 -0.94
CA VAL A 136 33.49 -11.83 -1.19
C VAL A 136 33.68 -11.18 -2.56
N SER A 137 32.96 -11.69 -3.57
CA SER A 137 33.00 -11.09 -4.90
C SER A 137 32.55 -9.64 -4.87
N SER A 138 31.50 -9.34 -4.08
CA SER A 138 31.02 -7.98 -3.93
C SER A 138 32.08 -7.09 -3.30
N TYR A 139 32.73 -7.60 -2.25
CA TYR A 139 33.78 -6.86 -1.59
C TYR A 139 34.88 -6.50 -2.58
N LEU A 140 35.33 -7.48 -3.34
CA LEU A 140 36.40 -7.25 -4.32
C LEU A 140 35.97 -6.22 -5.37
N ALA A 141 34.73 -6.31 -5.84
CA ALA A 141 34.21 -5.33 -6.79
C ALA A 141 34.27 -3.93 -6.20
N LEU A 142 33.87 -3.78 -4.93
CA LEU A 142 33.84 -2.45 -4.35
C LEU A 142 35.24 -1.92 -4.09
N MET A 143 36.18 -2.84 -3.82
CA MET A 143 37.55 -2.42 -3.58
C MET A 143 38.24 -2.04 -4.89
N GLU A 144 37.84 -2.67 -6.00
CA GLU A 144 38.37 -2.33 -7.32
C GLU A 144 37.73 -1.08 -7.92
N PHE A 145 36.57 -0.67 -7.39
CA PHE A 145 35.84 0.44 -7.98
C PHE A 145 36.61 1.73 -7.85
N SER A 146 36.53 2.55 -8.89
CA SER A 146 37.08 3.89 -8.87
C SER A 146 36.16 4.77 -9.72
N GLY A 147 36.26 6.06 -9.53
CA GLY A 147 35.49 7.01 -10.33
C GLY A 147 34.20 7.44 -9.65
N ASN A 148 33.47 8.30 -10.35
CA ASN A 148 32.29 9.00 -9.84
C ASN A 148 30.96 8.36 -10.28
N THR A 149 31.00 7.27 -11.05
CA THR A 149 29.77 6.68 -11.59
C THR A 149 29.79 5.19 -11.35
N MET A 150 28.74 4.67 -10.71
CA MET A 150 28.75 3.26 -10.37
C MET A 150 28.73 2.40 -11.62
N THR A 151 29.52 1.32 -11.57
CA THR A 151 29.54 0.31 -12.60
C THR A 151 28.54 -0.78 -12.27
N ARG A 152 28.37 -1.72 -13.20
CA ARG A 152 27.43 -2.82 -12.96
C ARG A 152 27.85 -3.64 -11.76
N ASP A 153 29.13 -4.01 -11.69
CA ASP A 153 29.57 -4.89 -10.60
C ASP A 153 29.53 -4.17 -9.25
N ALA A 154 29.87 -2.88 -9.23
CA ALA A 154 29.77 -2.13 -7.97
C ALA A 154 28.33 -2.06 -7.52
N SER A 155 27.40 -1.86 -8.46
CA SER A 155 25.98 -1.81 -8.12
C SER A 155 25.47 -3.15 -7.60
N ARG A 156 25.89 -4.25 -8.22
CA ARG A 156 25.52 -5.56 -7.71
C ARG A 156 26.02 -5.74 -6.28
N ALA A 157 27.27 -5.33 -6.06
CA ALA A 157 27.86 -5.45 -4.72
C ALA A 157 27.07 -4.63 -3.70
N VAL A 158 26.66 -3.41 -4.07
CA VAL A 158 25.89 -2.60 -3.13
C VAL A 158 24.52 -3.22 -2.87
N LEU A 159 23.87 -3.76 -3.91
CA LEU A 159 22.59 -4.43 -3.68
C LEU A 159 22.73 -5.54 -2.64
N ARG A 160 23.79 -6.35 -2.78
CA ARG A 160 23.97 -7.46 -1.85
C ARG A 160 24.32 -6.97 -0.44
N PHE A 161 25.24 -6.01 -0.33
CA PHE A 161 25.66 -5.60 1.00
C PHE A 161 24.57 -4.82 1.72
N VAL A 162 23.81 -3.99 1.00
CA VAL A 162 22.72 -3.28 1.65
C VAL A 162 21.68 -4.27 2.16
N THR A 163 21.41 -5.33 1.39
CA THR A 163 20.42 -6.31 1.84
C THR A 163 20.85 -6.95 3.15
N VAL A 164 22.12 -7.37 3.24
CA VAL A 164 22.54 -8.13 4.42
C VAL A 164 23.01 -7.23 5.58
N THR A 165 23.03 -5.93 5.39
CA THR A 165 23.37 -5.06 6.53
C THR A 165 22.14 -4.23 6.91
N ALA A 166 21.89 -3.14 6.19
CA ALA A 166 20.79 -2.25 6.55
C ALA A 166 19.43 -2.93 6.52
N GLU A 167 19.14 -3.69 5.46
CA GLU A 167 17.80 -4.30 5.41
C GLU A 167 17.63 -5.37 6.48
N ALA A 168 18.71 -6.08 6.82
CA ALA A 168 18.64 -7.05 7.91
C ALA A 168 18.52 -6.35 9.26
N LEU A 169 19.18 -5.20 9.43
CA LEU A 169 18.95 -4.41 10.63
C LEU A 169 17.47 -4.07 10.79
N ARG A 170 16.85 -3.64 9.70
CA ARG A 170 15.42 -3.31 9.74
C ARG A 170 14.56 -4.54 10.00
N PHE A 171 14.84 -5.65 9.32
CA PHE A 171 13.93 -6.79 9.28
C PHE A 171 14.59 -8.04 9.81
N ARG A 172 14.14 -8.47 10.99
CA ARG A 172 14.57 -9.76 11.52
C ARG A 172 14.28 -10.89 10.54
N GLN A 173 13.27 -10.74 9.67
CA GLN A 173 13.00 -11.78 8.69
C GLN A 173 14.18 -11.96 7.75
N ILE A 174 14.75 -10.86 7.28
CA ILE A 174 15.89 -10.92 6.37
C ILE A 174 17.13 -11.40 7.11
N GLN A 175 17.33 -10.94 8.35
CA GLN A 175 18.42 -11.48 9.16
C GLN A 175 18.33 -13.00 9.25
N ARG A 176 17.14 -13.52 9.53
CA ARG A 176 16.98 -14.96 9.74
C ARG A 176 17.18 -15.74 8.45
N GLU A 177 16.61 -15.26 7.34
CA GLU A 177 16.76 -16.02 6.10
C GLU A 177 18.18 -15.93 5.56
N PHE A 178 18.79 -14.74 5.59
CA PHE A 178 20.12 -14.64 5.01
C PHE A 178 21.15 -15.41 5.85
N ARG A 179 21.02 -15.39 7.18
CA ARG A 179 22.10 -15.93 8.00
C ARG A 179 22.39 -17.40 7.72
N GLN A 180 21.43 -18.16 7.16
CA GLN A 180 21.71 -19.55 6.81
C GLN A 180 22.87 -19.67 5.84
N ALA A 181 23.05 -18.68 4.97
CA ALA A 181 24.15 -18.70 4.00
C ALA A 181 25.52 -18.64 4.68
N LEU A 182 25.58 -18.21 5.93
CA LEU A 182 26.86 -18.09 6.63
C LEU A 182 27.30 -19.42 7.23
N SER A 183 26.46 -20.44 7.17
CA SER A 183 26.80 -21.69 7.83
C SER A 183 27.80 -22.48 6.99
N GLU A 184 28.35 -23.53 7.61
CA GLU A 184 29.38 -24.32 6.97
C GLU A 184 28.88 -24.98 5.69
N THR A 185 27.58 -25.29 5.62
CA THR A 185 27.00 -25.80 4.39
C THR A 185 27.18 -24.82 3.23
N ALA A 186 27.33 -23.53 3.55
CA ALA A 186 27.44 -22.47 2.56
C ALA A 186 26.31 -22.48 1.54
N PRO A 187 25.05 -22.55 2.00
CA PRO A 187 23.94 -22.53 1.03
C PRO A 187 23.76 -21.14 0.48
N VAL A 188 22.78 -20.96 -0.41
CA VAL A 188 22.56 -19.67 -1.05
C VAL A 188 21.27 -19.10 -0.48
N TYR A 189 21.31 -17.83 -0.10
CA TYR A 189 20.10 -17.09 0.25
C TYR A 189 19.53 -16.52 -1.04
N THR A 190 18.23 -16.72 -1.26
CA THR A 190 17.56 -16.11 -2.40
C THR A 190 16.53 -15.14 -1.87
N MET A 191 16.66 -13.86 -2.23
CA MET A 191 15.76 -12.94 -1.60
C MET A 191 14.44 -13.01 -2.35
N THR A 192 13.37 -13.12 -1.60
CA THR A 192 12.04 -13.47 -2.06
C THR A 192 11.25 -12.22 -2.40
N PRO A 193 10.17 -12.36 -3.16
CA PRO A 193 9.25 -11.23 -3.33
C PRO A 193 8.77 -10.69 -2.00
N GLY A 194 8.54 -11.56 -1.01
CA GLY A 194 8.10 -11.09 0.29
C GLY A 194 9.17 -10.26 1.00
N ASP A 195 10.43 -10.70 0.91
CA ASP A 195 11.53 -9.88 1.43
C ASP A 195 11.53 -8.49 0.78
N VAL A 196 11.41 -8.46 -0.55
CA VAL A 196 11.42 -7.18 -1.26
C VAL A 196 10.27 -6.31 -0.80
N ASP A 197 9.07 -6.87 -0.74
CA ASP A 197 7.90 -6.12 -0.31
C ASP A 197 8.09 -5.54 1.10
N LEU A 198 8.66 -6.32 2.00
CA LEU A 198 8.96 -5.79 3.33
C LEU A 198 9.82 -4.53 3.23
N THR A 199 10.94 -4.63 2.49
CA THR A 199 11.81 -3.46 2.39
C THR A 199 11.05 -2.25 1.81
N LEU A 200 10.17 -2.50 0.84
CA LEU A 200 9.47 -1.38 0.22
C LEU A 200 8.39 -0.81 1.12
N ASN A 201 7.98 -1.54 2.15
CA ASN A 201 6.93 -1.07 3.04
C ASN A 201 7.48 -0.61 4.38
N TRP A 202 8.80 -0.49 4.50
CA TRP A 202 9.40 -0.12 5.80
C TRP A 202 8.82 1.19 6.35
N GLY A 203 8.76 2.25 5.54
CA GLY A 203 8.22 3.51 6.05
C GLY A 203 6.77 3.38 6.51
N ARG A 204 5.95 2.70 5.73
CA ARG A 204 4.54 2.51 6.10
C ARG A 204 4.41 1.70 7.39
N ILE A 205 5.18 0.61 7.48
CA ILE A 205 5.20 -0.19 8.70
C ILE A 205 5.58 0.67 9.89
N SER A 206 6.59 1.53 9.70
CA SER A 206 7.11 2.37 10.78
C SER A 206 6.04 3.31 11.28
N ASN A 207 5.16 3.77 10.39
CA ASN A 207 4.09 4.67 10.83
C ASN A 207 3.01 3.92 11.58
N VAL A 208 2.86 2.63 11.34
CA VAL A 208 1.72 1.91 11.94
C VAL A 208 2.08 1.25 13.26
N LEU A 209 3.23 0.59 13.34
CA LEU A 209 3.52 -0.22 14.54
C LEU A 209 3.57 0.56 15.86
N PRO A 210 3.94 1.84 15.93
CA PRO A 210 3.86 2.54 17.22
C PRO A 210 2.46 2.60 17.80
N GLU A 211 1.43 2.41 16.99
CA GLU A 211 0.04 2.43 17.44
C GLU A 211 -0.47 1.07 17.91
N TYR A 212 0.29 0.01 17.67
CA TYR A 212 -0.11 -1.33 18.07
C TYR A 212 -0.28 -1.44 19.59
N ARG A 213 -1.40 -2.04 20.01
CA ARG A 213 -1.73 -2.24 21.41
C ARG A 213 -2.29 -3.64 21.61
N GLY A 214 -1.68 -4.62 20.96
CA GLY A 214 -2.09 -6.00 21.14
C GLY A 214 -3.26 -6.45 20.28
N GLU A 215 -3.56 -5.73 19.20
CA GLU A 215 -4.61 -6.17 18.29
C GLU A 215 -4.28 -7.55 17.72
N ASP A 216 -5.32 -8.26 17.27
CA ASP A 216 -5.10 -9.61 16.75
C ASP A 216 -4.26 -9.60 15.48
N GLY A 217 -4.29 -8.52 14.72
CA GLY A 217 -3.51 -8.48 13.50
C GLY A 217 -3.12 -7.06 13.15
N VAL A 218 -2.21 -6.97 12.19
CA VAL A 218 -1.73 -5.71 11.63
C VAL A 218 -1.72 -5.87 10.11
N ARG A 219 -2.28 -4.88 9.42
CA ARG A 219 -2.32 -4.92 7.96
C ARG A 219 -1.78 -3.61 7.43
N VAL A 220 -0.71 -3.66 6.66
CA VAL A 220 -0.09 -2.49 6.09
C VAL A 220 0.11 -2.80 4.61
N GLY A 221 -0.77 -2.29 3.76
CA GLY A 221 -0.71 -2.64 2.35
C GLY A 221 -0.69 -4.13 2.13
N ARG A 222 0.36 -4.62 1.46
CA ARG A 222 0.49 -6.05 1.17
C ARG A 222 1.04 -6.86 2.33
N ILE A 223 1.37 -6.21 3.45
CA ILE A 223 2.01 -6.85 4.59
C ILE A 223 0.95 -7.20 5.62
N SER A 224 1.00 -8.42 6.15
CA SER A 224 0.08 -8.85 7.21
C SER A 224 0.84 -9.57 8.31
N PHE A 225 0.52 -9.21 9.55
CA PHE A 225 1.02 -9.88 10.75
C PHE A 225 -0.17 -10.36 11.57
N ASN A 226 -0.16 -11.63 11.98
CA ASN A 226 -1.32 -12.19 12.67
C ASN A 226 -1.17 -12.29 14.18
N ASN A 227 -0.02 -11.93 14.73
CA ASN A 227 0.23 -12.08 16.16
C ASN A 227 1.56 -11.42 16.45
N ILE A 228 1.87 -11.27 17.74
CA ILE A 228 3.11 -10.59 18.11
C ILE A 228 4.31 -11.37 17.61
N SER A 229 4.25 -12.72 17.64
CA SER A 229 5.42 -13.47 17.18
C SER A 229 5.71 -13.22 15.71
N ALA A 230 4.67 -13.04 14.89
CA ALA A 230 4.91 -12.68 13.49
C ALA A 230 5.54 -11.30 13.36
N ILE A 231 5.11 -10.34 14.18
CA ILE A 231 5.68 -9.01 14.13
C ILE A 231 7.17 -9.07 14.50
N LEU A 232 7.46 -9.71 15.63
CA LEU A 232 8.83 -9.81 16.14
C LEU A 232 9.70 -10.64 15.22
N GLY A 233 9.14 -11.70 14.63
CA GLY A 233 9.90 -12.52 13.71
C GLY A 233 10.21 -11.80 12.41
N THR A 234 9.47 -10.73 12.12
CA THR A 234 9.65 -10.04 10.84
C THR A 234 10.39 -8.71 10.97
N VAL A 235 10.04 -7.87 11.93
CA VAL A 235 10.49 -6.48 11.98
C VAL A 235 11.35 -6.30 13.22
N ALA A 236 12.48 -5.61 13.06
CA ALA A 236 13.34 -5.33 14.21
C ALA A 236 13.51 -3.84 14.49
N VAL A 237 13.66 -3.00 13.47
CA VAL A 237 13.92 -1.57 13.67
C VAL A 237 13.06 -0.77 12.72
N ILE A 238 12.40 0.28 13.23
CA ILE A 238 11.57 1.14 12.41
C ILE A 238 12.00 2.59 12.56
N LEU A 239 11.59 3.40 11.58
CA LEU A 239 11.76 4.84 11.66
C LEU A 239 11.07 5.42 12.88
N ASN A 240 11.56 6.58 13.29
CA ASN A 240 10.93 7.40 14.32
C ASN A 240 9.89 8.28 13.65
N CYS A 241 8.63 7.92 13.83
CA CYS A 241 7.51 8.63 13.22
C CYS A 241 6.74 9.47 14.25
N HIS A 242 7.22 9.54 15.49
CA HIS A 242 6.71 10.42 16.55
C HIS A 242 5.19 10.59 16.55
N SER A 256 7.66 12.29 11.81
CA SER A 256 8.93 13.01 11.96
C SER A 256 9.81 12.85 10.72
N GLN A 257 10.12 11.59 10.34
CA GLN A 257 10.83 11.37 9.09
C GLN A 257 9.86 11.41 7.91
N PRO A 258 10.30 11.91 6.75
CA PRO A 258 9.37 12.03 5.61
C PRO A 258 8.83 10.71 5.11
N GLU A 259 9.61 9.63 5.26
CA GLU A 259 9.15 8.31 4.84
C GLU A 259 7.99 7.78 5.68
N CYS A 260 7.65 8.46 6.78
CA CYS A 260 6.53 8.00 7.60
C CYS A 260 5.18 8.29 7.00
N GLN A 261 5.10 9.26 6.10
CA GLN A 261 3.80 9.71 5.66
C GLN A 261 3.73 9.68 4.14
N ILE A 262 2.62 9.18 3.62
CA ILE A 262 2.31 9.25 2.21
C ILE A 262 1.33 10.36 1.92
N THR A 263 0.22 10.33 2.62
CA THR A 263 -0.84 11.32 2.47
C THR A 263 -1.74 11.20 3.68
N GLY A 264 -2.51 12.25 3.96
CA GLY A 264 -3.40 12.20 5.09
C GLY A 264 -2.66 12.32 6.41
N ASP A 265 -3.41 12.11 7.50
CA ASP A 265 -2.78 12.30 8.81
C ASP A 265 -3.25 11.26 9.82
N ARG A 266 -3.86 10.17 9.37
CA ARG A 266 -4.39 9.16 10.27
C ARG A 266 -3.55 7.89 10.15
N PRO A 267 -2.70 7.56 11.12
CA PRO A 267 -1.87 6.37 10.96
C PRO A 267 -2.65 5.09 10.79
N VAL A 268 -3.69 4.88 11.58
CA VAL A 268 -4.33 3.56 11.65
C VAL A 268 -5.84 3.69 11.81
N ILE A 269 -6.52 2.62 11.43
CA ILE A 269 -7.92 2.36 11.76
C ILE A 269 -7.99 0.96 12.34
N LYS A 270 -8.62 0.81 13.49
CA LYS A 270 -8.87 -0.52 14.05
C LYS A 270 -10.19 -1.03 13.48
N ILE A 271 -10.13 -2.15 12.77
CA ILE A 271 -11.30 -2.79 12.15
C ILE A 271 -11.29 -4.26 12.55
N ASN A 272 -12.33 -4.68 13.27
CA ASN A 272 -12.47 -6.09 13.64
C ASN A 272 -11.19 -6.63 14.28
N ASN A 273 -10.70 -5.88 15.25
CA ASN A 273 -9.55 -6.27 16.07
C ASN A 273 -8.28 -6.40 15.23
N THR A 274 -8.23 -5.76 14.08
CA THR A 274 -7.04 -5.69 13.25
C THR A 274 -6.66 -4.23 13.07
N LEU A 275 -5.39 -3.91 13.25
CA LEU A 275 -4.87 -2.55 13.06
C LEU A 275 -4.50 -2.39 11.59
N TRP A 276 -5.28 -1.58 10.85
CA TRP A 276 -5.02 -1.29 9.45
C TRP A 276 -4.30 0.04 9.29
N GLU A 277 -3.33 0.07 8.39
CA GLU A 277 -2.91 1.35 7.85
C GLU A 277 -4.13 2.03 7.24
N SER A 278 -4.44 3.24 7.70
N SER A 278 -4.46 3.23 7.71
CA SER A 278 -5.66 3.90 7.23
CA SER A 278 -5.67 3.89 7.22
C SER A 278 -5.66 4.04 5.72
C SER A 278 -5.66 4.02 5.70
N ASN A 279 -4.50 4.35 5.12
CA ASN A 279 -4.44 4.58 3.68
C ASN A 279 -4.76 3.33 2.89
N THR A 280 -4.46 2.14 3.43
CA THR A 280 -4.81 0.89 2.74
C THR A 280 -6.33 0.71 2.68
N ALA A 281 -6.99 0.90 3.82
CA ALA A 281 -8.45 0.79 3.84
C ALA A 281 -9.06 1.83 2.92
N ALA A 282 -8.57 3.07 2.99
CA ALA A 282 -9.08 4.13 2.12
C ALA A 282 -8.96 3.73 0.66
N ALA A 283 -7.88 3.01 0.32
CA ALA A 283 -7.62 2.68 -1.08
C ALA A 283 -8.50 1.55 -1.60
N PHE A 284 -9.16 0.77 -0.74
CA PHE A 284 -10.21 -0.09 -1.29
C PHE A 284 -11.63 0.32 -0.89
N LEU A 285 -11.81 1.43 -0.17
CA LEU A 285 -13.13 1.94 0.18
C LEU A 285 -13.47 3.20 -0.60
N ASN A 286 -12.75 3.46 -1.69
CA ASN A 286 -12.98 4.64 -2.51
C ASN A 286 -13.63 4.31 -3.85
N ARG A 287 -14.27 3.14 -3.96
CA ARG A 287 -14.94 2.72 -5.18
C ARG A 287 -16.42 3.13 -5.14
N LYS A 288 -16.95 3.56 -6.28
CA LYS A 288 -18.37 3.86 -6.32
C LYS A 288 -19.14 2.58 -6.64
N SER A 289 -20.45 2.72 -6.84
CA SER A 289 -21.28 1.57 -7.16
C SER A 289 -20.76 0.85 -8.40
N GLN A 290 -20.58 -0.47 -8.27
CA GLN A 290 -19.90 -1.24 -9.31
C GLN A 290 -20.64 -1.17 -10.64
N PHE A 291 -21.97 -1.29 -10.61
CA PHE A 291 -22.71 -1.22 -11.87
C PHE A 291 -22.52 0.12 -12.57
N LEU A 292 -22.51 1.21 -11.78
CA LEU A 292 -22.31 2.53 -12.35
C LEU A 292 -20.89 2.69 -12.87
N TYR A 293 -19.92 2.12 -12.15
CA TYR A 293 -18.53 2.18 -12.57
C TYR A 293 -18.33 1.51 -13.92
N THR A 294 -18.77 0.26 -14.01
CA THR A 294 -18.48 -0.53 -15.21
C THR A 294 -19.28 -0.06 -16.41
N THR A 295 -20.50 0.44 -16.22
CA THR A 295 -21.26 0.88 -17.38
C THR A 295 -20.95 2.31 -17.79
N GLY A 296 -20.34 3.10 -16.92
CA GLY A 296 -20.01 4.48 -17.26
C GLY A 296 -18.67 4.60 -17.95
N LYS A 297 -18.58 4.09 -19.18
CA LYS A 297 -17.28 4.03 -19.84
C LYS A 297 -16.98 5.28 -20.64
N ALA B 1 -35.45 15.89 9.45
CA ALA B 1 -35.21 15.45 10.82
C ALA B 1 -34.03 14.47 10.88
N ASP B 2 -33.33 14.48 12.01
CA ASP B 2 -32.26 13.49 12.25
C ASP B 2 -32.91 12.21 12.74
N CYS B 3 -33.05 11.24 11.84
CA CYS B 3 -33.72 9.99 12.18
C CYS B 3 -32.89 9.16 13.13
N ALA B 4 -31.58 9.08 12.88
CA ALA B 4 -30.77 8.26 13.75
C ALA B 4 -29.33 8.75 13.68
N LYS B 5 -28.63 8.63 14.79
CA LYS B 5 -27.23 9.03 14.87
C LYS B 5 -26.46 7.99 15.64
N GLY B 6 -25.39 7.49 15.03
CA GLY B 6 -24.56 6.52 15.71
C GLY B 6 -23.75 5.71 14.71
N LYS B 7 -23.18 4.62 15.22
CA LYS B 7 -22.43 3.70 14.38
C LYS B 7 -23.36 2.74 13.69
N ILE B 8 -22.94 2.24 12.53
CA ILE B 8 -23.72 1.26 11.79
C ILE B 8 -23.54 -0.11 12.46
N GLU B 9 -24.63 -0.67 12.97
CA GLU B 9 -24.57 -1.94 13.68
C GLU B 9 -24.53 -3.11 12.71
N PHE B 10 -25.23 -3.01 11.59
CA PHE B 10 -25.04 -3.93 10.48
C PHE B 10 -25.52 -3.23 9.22
N SER B 11 -25.08 -3.75 8.08
CA SER B 11 -25.63 -3.34 6.80
C SER B 11 -26.09 -4.57 6.04
N LYS B 12 -26.90 -4.35 5.01
CA LYS B 12 -27.48 -5.48 4.30
C LYS B 12 -27.83 -5.08 2.90
N TYR B 13 -27.34 -5.84 1.93
CA TYR B 13 -27.77 -5.68 0.54
C TYR B 13 -29.04 -6.49 0.36
N ASN B 14 -30.06 -5.88 -0.21
CA ASN B 14 -31.39 -6.49 -0.27
C ASN B 14 -31.69 -6.98 -1.69
N GLU B 15 -32.59 -7.97 -1.78
CA GLU B 15 -32.91 -8.57 -3.06
C GLU B 15 -33.47 -7.57 -4.07
N ASP B 16 -34.07 -6.49 -3.59
CA ASP B 16 -34.60 -5.47 -4.49
C ASP B 16 -33.57 -4.39 -4.82
N ASP B 17 -32.29 -4.66 -4.52
CA ASP B 17 -31.15 -3.76 -4.76
C ASP B 17 -31.20 -2.51 -3.90
N THR B 18 -32.01 -2.50 -2.85
CA THR B 18 -31.86 -1.46 -1.84
C THR B 18 -30.83 -1.93 -0.82
N PHE B 19 -30.56 -1.05 0.14
CA PHE B 19 -29.49 -1.27 1.10
C PHE B 19 -29.95 -0.80 2.47
N THR B 20 -29.87 -1.67 3.47
CA THR B 20 -30.34 -1.41 4.82
C THR B 20 -29.17 -1.20 5.76
N VAL B 21 -29.30 -0.23 6.66
CA VAL B 21 -28.37 -0.09 7.77
C VAL B 21 -29.17 -0.04 9.06
N LYS B 22 -28.57 -0.59 10.12
CA LYS B 22 -29.12 -0.45 11.46
C LYS B 22 -28.26 0.56 12.21
N VAL B 23 -28.89 1.63 12.69
CA VAL B 23 -28.22 2.68 13.43
C VAL B 23 -29.02 2.96 14.69
N ASP B 24 -28.35 2.99 15.84
CA ASP B 24 -28.99 3.30 17.12
C ASP B 24 -30.26 2.49 17.32
N GLY B 25 -30.19 1.21 16.98
CA GLY B 25 -31.28 0.29 17.21
C GLY B 25 -32.41 0.33 16.22
N LYS B 26 -32.33 1.13 15.17
CA LYS B 26 -33.40 1.22 14.19
C LYS B 26 -32.86 0.91 12.79
N GLU B 27 -33.69 0.28 11.97
CA GLU B 27 -33.30 -0.09 10.62
C GLU B 27 -33.86 0.90 9.61
N TYR B 28 -33.02 1.31 8.66
CA TYR B 28 -33.41 2.20 7.59
C TYR B 28 -32.87 1.65 6.28
N TRP B 29 -33.56 1.94 5.20
CA TRP B 29 -33.08 1.49 3.90
C TRP B 29 -32.98 2.67 2.95
N THR B 30 -32.12 2.51 1.96
CA THR B 30 -32.00 3.49 0.89
C THR B 30 -31.95 2.77 -0.45
N SER B 31 -32.54 3.39 -1.47
CA SER B 31 -32.47 2.89 -2.83
C SER B 31 -31.34 3.51 -3.64
N ARG B 32 -30.57 4.43 -3.07
CA ARG B 32 -29.52 5.12 -3.82
C ARG B 32 -28.29 4.23 -3.84
N TRP B 33 -27.92 3.76 -5.03
CA TRP B 33 -26.84 2.77 -5.12
C TRP B 33 -25.52 3.32 -4.62
N ASN B 34 -25.23 4.60 -4.87
CA ASN B 34 -23.92 5.06 -4.45
C ASN B 34 -23.80 5.14 -2.93
N LEU B 35 -24.92 5.08 -2.21
CA LEU B 35 -24.84 5.02 -0.75
C LEU B 35 -24.35 3.67 -0.27
N GLN B 36 -24.40 2.63 -1.11
CA GLN B 36 -23.96 1.31 -0.67
C GLN B 36 -22.50 1.31 -0.27
N PRO B 37 -21.54 1.69 -1.14
CA PRO B 37 -20.14 1.75 -0.64
C PRO B 37 -19.93 2.79 0.43
N LEU B 38 -20.56 3.97 0.31
CA LEU B 38 -20.40 5.01 1.32
C LEU B 38 -20.81 4.49 2.70
N LEU B 39 -21.93 3.79 2.78
CA LEU B 39 -22.34 3.27 4.08
C LEU B 39 -21.44 2.14 4.55
N GLN B 40 -21.02 1.25 3.63
CA GLN B 40 -20.21 0.14 4.13
C GLN B 40 -18.87 0.64 4.61
N SER B 41 -18.32 1.64 3.91
CA SER B 41 -17.08 2.24 4.38
C SER B 41 -17.27 2.85 5.76
N ALA B 42 -18.38 3.59 5.95
CA ALA B 42 -18.62 4.18 7.26
C ALA B 42 -18.65 3.08 8.31
N GLN B 43 -19.32 1.98 7.98
CA GLN B 43 -19.46 0.92 8.95
C GLN B 43 -18.10 0.31 9.27
N LEU B 44 -17.24 0.18 8.26
CA LEU B 44 -15.96 -0.46 8.49
C LEU B 44 -15.02 0.45 9.25
N THR B 45 -15.11 1.77 9.06
CA THR B 45 -14.12 2.62 9.67
C THR B 45 -14.59 3.24 10.97
N GLY B 46 -15.82 2.93 11.38
CA GLY B 46 -16.33 3.44 12.64
C GLY B 46 -16.85 4.85 12.59
N MET B 47 -17.35 5.29 11.42
CA MET B 47 -17.88 6.63 11.32
C MET B 47 -19.19 6.74 12.08
N THR B 48 -19.44 7.90 12.68
CA THR B 48 -20.79 8.23 13.11
C THR B 48 -21.59 8.69 11.90
N VAL B 49 -22.70 8.03 11.63
CA VAL B 49 -23.61 8.46 10.57
C VAL B 49 -24.84 9.07 11.20
N THR B 50 -25.37 10.09 10.53
CA THR B 50 -26.64 10.71 10.89
C THR B 50 -27.58 10.50 9.72
N ILE B 51 -28.53 9.60 9.89
CA ILE B 51 -29.59 9.36 8.92
C ILE B 51 -30.61 10.47 9.06
N LYS B 52 -30.92 11.13 7.95
CA LYS B 52 -31.85 12.26 7.94
C LYS B 52 -32.94 12.02 6.90
N SER B 53 -34.15 12.48 7.22
CA SER B 53 -35.29 12.25 6.33
C SER B 53 -36.45 13.10 6.83
N SER B 54 -37.31 13.51 5.88
CA SER B 54 -38.51 14.25 6.25
C SER B 54 -39.42 13.41 7.15
N THR B 55 -39.46 12.10 6.93
CA THR B 55 -40.19 11.17 7.78
C THR B 55 -39.24 10.07 8.22
N CYS B 56 -39.20 9.81 9.52
CA CYS B 56 -38.25 8.86 10.07
C CYS B 56 -38.93 7.54 10.47
N SER B 60 -38.17 2.91 7.47
CA SER B 60 -38.54 3.56 6.22
C SER B 60 -37.29 3.97 5.43
N GLY B 61 -37.52 4.67 4.29
CA GLY B 61 -36.44 5.00 3.38
C GLY B 61 -35.71 6.28 3.75
N PHE B 62 -34.48 6.41 3.24
CA PHE B 62 -33.72 7.64 3.42
C PHE B 62 -32.83 7.84 2.19
N ALA B 63 -32.46 9.11 1.98
CA ALA B 63 -31.54 9.45 0.90
C ALA B 63 -30.65 10.62 1.31
N GLU B 64 -30.58 10.92 2.60
CA GLU B 64 -29.67 11.94 3.13
C GLU B 64 -28.99 11.35 4.35
N VAL B 65 -27.66 11.40 4.38
CA VAL B 65 -26.93 10.87 5.53
C VAL B 65 -25.61 11.60 5.65
N GLN B 66 -25.30 12.00 6.87
CA GLN B 66 -24.06 12.70 7.17
C GLN B 66 -23.06 11.72 7.74
N PHE B 67 -21.78 11.91 7.38
CA PHE B 67 -20.69 11.03 7.81
C PHE B 67 -19.67 11.84 8.59
N ASN B 68 -19.34 11.37 9.80
CA ASN B 68 -18.33 11.98 10.65
C ASN B 68 -17.34 10.91 11.06
N ASN B 69 -16.04 11.23 11.00
CA ASN B 69 -15.09 10.34 11.64
C ASN B 69 -15.36 10.31 13.13
N ASP B 70 -15.01 9.18 13.74
CA ASP B 70 -15.07 9.01 15.20
C ASP B 70 -14.54 10.20 15.98
N ALA C 1 -11.71 30.00 -8.04
CA ALA C 1 -10.80 30.37 -6.94
C ALA C 1 -10.59 29.18 -6.01
N ASP C 2 -9.47 29.18 -5.28
CA ASP C 2 -9.24 28.19 -4.25
C ASP C 2 -10.00 28.62 -3.01
N CYS C 3 -11.10 27.93 -2.70
CA CYS C 3 -12.02 28.41 -1.68
C CYS C 3 -11.65 27.94 -0.28
N ALA C 4 -11.22 26.69 -0.15
CA ALA C 4 -11.00 26.10 1.16
C ALA C 4 -9.96 25.02 1.01
N LYS C 5 -8.96 25.00 1.89
CA LYS C 5 -7.96 23.95 1.88
C LYS C 5 -7.84 23.39 3.28
N GLY C 6 -8.01 22.09 3.38
CA GLY C 6 -7.89 21.42 4.67
C GLY C 6 -8.54 20.06 4.63
N LYS C 7 -8.68 19.47 5.81
CA LYS C 7 -9.32 18.17 5.92
C LYS C 7 -10.83 18.31 5.87
N ILE C 8 -11.49 17.25 5.43
CA ILE C 8 -12.95 17.22 5.38
C ILE C 8 -13.48 17.00 6.80
N GLU C 9 -14.26 17.95 7.30
CA GLU C 9 -14.74 17.89 8.68
C GLU C 9 -15.97 17.03 8.80
N PHE C 10 -16.83 17.02 7.78
CA PHE C 10 -17.87 16.03 7.61
C PHE C 10 -18.24 15.98 6.14
N SER C 11 -18.92 14.91 5.75
CA SER C 11 -19.47 14.78 4.42
C SER C 11 -20.93 14.36 4.54
N LYS C 12 -21.69 14.58 3.48
CA LYS C 12 -23.11 14.34 3.54
C LYS C 12 -23.62 14.01 2.15
N TYR C 13 -24.30 12.88 2.03
CA TYR C 13 -25.02 12.54 0.82
C TYR C 13 -26.39 13.21 0.90
N ASN C 14 -26.79 13.89 -0.18
CA ASN C 14 -27.97 14.74 -0.16
C ASN C 14 -29.11 14.11 -0.93
N GLU C 15 -30.33 14.54 -0.58
CA GLU C 15 -31.54 14.01 -1.19
C GLU C 15 -31.53 14.13 -2.71
N ASP C 16 -30.89 15.18 -3.25
CA ASP C 16 -30.85 15.36 -4.70
C ASP C 16 -29.67 14.65 -5.34
N ASP C 17 -29.01 13.76 -4.60
CA ASP C 17 -27.85 12.97 -5.02
C ASP C 17 -26.59 13.80 -5.16
N THR C 18 -26.61 15.08 -4.80
CA THR C 18 -25.35 15.79 -4.67
C THR C 18 -24.67 15.38 -3.36
N PHE C 19 -23.48 15.91 -3.13
CA PHE C 19 -22.63 15.43 -2.05
C PHE C 19 -21.91 16.62 -1.45
N THR C 20 -21.99 16.79 -0.14
CA THR C 20 -21.50 17.98 0.55
C THR C 20 -20.29 17.61 1.40
N VAL C 21 -19.29 18.48 1.41
CA VAL C 21 -18.17 18.34 2.34
C VAL C 21 -18.02 19.68 3.04
N LYS C 22 -17.62 19.62 4.31
CA LYS C 22 -17.26 20.82 5.05
C LYS C 22 -15.74 20.88 5.15
N VAL C 23 -15.14 21.94 4.60
CA VAL C 23 -13.70 22.14 4.59
C VAL C 23 -13.42 23.53 5.12
N ASP C 24 -12.46 23.64 6.04
CA ASP C 24 -12.06 24.94 6.60
C ASP C 24 -13.28 25.74 7.06
N GLY C 25 -14.23 25.05 7.70
CA GLY C 25 -15.38 25.69 8.30
C GLY C 25 -16.50 26.07 7.36
N LYS C 26 -16.41 25.74 6.07
CA LYS C 26 -17.45 26.10 5.10
C LYS C 26 -17.91 24.85 4.35
N GLU C 27 -19.19 24.81 4.04
CA GLU C 27 -19.81 23.69 3.34
C GLU C 27 -19.86 23.94 1.84
N TYR C 28 -19.57 22.89 1.07
CA TYR C 28 -19.61 22.95 -0.39
C TYR C 28 -20.27 21.68 -0.90
N TRP C 29 -21.07 21.80 -1.95
CA TRP C 29 -21.73 20.65 -2.54
C TRP C 29 -21.24 20.42 -3.96
N THR C 30 -21.26 19.16 -4.40
CA THR C 30 -20.91 18.84 -5.77
C THR C 30 -21.91 17.87 -6.35
N SER C 31 -22.21 18.02 -7.63
CA SER C 31 -23.03 17.04 -8.33
C SER C 31 -22.21 16.01 -9.09
N ARG C 32 -20.89 16.07 -9.00
CA ARG C 32 -20.04 15.07 -9.64
C ARG C 32 -20.16 13.77 -8.88
N TRP C 33 -20.86 12.80 -9.47
CA TRP C 33 -21.06 11.49 -8.85
C TRP C 33 -19.75 10.85 -8.41
N ASN C 34 -18.74 10.93 -9.28
CA ASN C 34 -17.49 10.23 -9.01
C ASN C 34 -16.75 10.80 -7.82
N LEU C 35 -17.04 12.02 -7.45
CA LEU C 35 -16.37 12.57 -6.28
C LEU C 35 -16.87 11.96 -4.97
N GLN C 36 -18.01 11.25 -4.96
CA GLN C 36 -18.55 10.85 -3.66
C GLN C 36 -17.62 9.89 -2.92
N PRO C 37 -17.22 8.76 -3.48
CA PRO C 37 -16.32 7.88 -2.71
C PRO C 37 -14.93 8.47 -2.58
N LEU C 38 -14.46 9.23 -3.57
CA LEU C 38 -13.13 9.81 -3.46
C LEU C 38 -13.06 10.76 -2.26
N LEU C 39 -14.06 11.63 -2.14
CA LEU C 39 -14.08 12.55 -1.01
C LEU C 39 -14.22 11.77 0.29
N GLN C 40 -15.05 10.73 0.31
CA GLN C 40 -15.19 10.01 1.57
C GLN C 40 -13.88 9.36 1.94
N SER C 41 -13.14 8.83 0.96
N SER C 41 -13.15 8.82 0.95
CA SER C 41 -11.89 8.19 1.36
CA SER C 41 -11.89 8.19 1.29
C SER C 41 -10.89 9.22 1.83
C SER C 41 -10.91 9.22 1.81
N ALA C 42 -10.88 10.39 1.17
CA ALA C 42 -10.02 11.46 1.67
C ALA C 42 -10.40 11.78 3.10
N GLN C 43 -11.71 11.85 3.35
CA GLN C 43 -12.17 12.19 4.69
C GLN C 43 -11.67 11.17 5.68
N LEU C 44 -11.75 9.88 5.32
CA LEU C 44 -11.47 8.90 6.36
C LEU C 44 -9.98 8.86 6.68
N THR C 45 -9.13 9.28 5.76
CA THR C 45 -7.71 9.20 6.04
C THR C 45 -7.11 10.54 6.43
N GLY C 46 -7.92 11.60 6.46
CA GLY C 46 -7.40 12.90 6.83
C GLY C 46 -6.62 13.58 5.72
N MET C 47 -6.93 13.23 4.48
CA MET C 47 -6.28 13.83 3.34
C MET C 47 -6.70 15.29 3.19
N THR C 48 -5.75 16.17 2.93
CA THR C 48 -6.07 17.58 2.73
C THR C 48 -6.63 17.74 1.33
N VAL C 49 -7.76 18.42 1.21
CA VAL C 49 -8.31 18.75 -0.11
C VAL C 49 -8.38 20.25 -0.28
N THR C 50 -8.33 20.68 -1.55
CA THR C 50 -8.55 22.07 -1.94
C THR C 50 -9.81 22.13 -2.79
N ILE C 51 -10.84 22.80 -2.26
CA ILE C 51 -12.10 23.01 -2.97
C ILE C 51 -11.96 24.23 -3.87
N LYS C 52 -12.31 24.09 -5.16
CA LYS C 52 -12.14 25.20 -6.08
C LYS C 52 -13.50 25.55 -6.68
N SER C 53 -13.86 26.82 -6.65
CA SER C 53 -15.19 27.21 -7.09
C SER C 53 -15.18 28.67 -7.51
N SER C 54 -16.24 29.04 -8.26
CA SER C 54 -16.49 30.43 -8.62
C SER C 54 -16.78 31.29 -7.40
N THR C 55 -17.41 30.72 -6.38
CA THR C 55 -17.82 31.41 -5.17
C THR C 55 -17.40 30.56 -3.98
N CYS C 56 -16.98 31.22 -2.91
CA CYS C 56 -16.37 30.49 -1.81
C CYS C 56 -17.18 30.54 -0.53
N GLU C 57 -18.33 31.21 -0.55
CA GLU C 57 -19.22 31.22 0.61
C GLU C 57 -19.67 29.81 0.92
N SER C 58 -19.84 29.53 2.21
CA SER C 58 -20.49 28.30 2.60
C SER C 58 -21.81 28.16 1.86
N GLY C 59 -22.06 26.96 1.34
CA GLY C 59 -23.23 26.70 0.52
C GLY C 59 -22.98 26.76 -0.97
N SER C 60 -21.74 27.00 -1.40
CA SER C 60 -21.37 27.09 -2.79
C SER C 60 -21.18 25.69 -3.39
N GLY C 61 -21.35 25.63 -4.72
CA GLY C 61 -21.11 24.39 -5.45
C GLY C 61 -19.70 24.30 -5.97
N PHE C 62 -19.23 23.07 -6.16
CA PHE C 62 -17.93 22.90 -6.80
C PHE C 62 -18.00 21.71 -7.75
N ALA C 63 -17.14 21.77 -8.75
CA ALA C 63 -16.95 20.67 -9.70
C ALA C 63 -15.48 20.35 -9.87
N GLU C 64 -14.62 20.92 -9.01
CA GLU C 64 -13.18 20.78 -9.10
C GLU C 64 -12.60 20.73 -7.69
N VAL C 65 -11.77 19.72 -7.43
CA VAL C 65 -11.17 19.55 -6.10
C VAL C 65 -9.81 18.89 -6.26
N GLN C 66 -8.83 19.40 -5.54
CA GLN C 66 -7.49 18.83 -5.57
C GLN C 66 -7.25 18.01 -4.31
N PHE C 67 -6.68 16.82 -4.47
CA PHE C 67 -6.36 15.94 -3.35
C PHE C 67 -4.85 16.04 -3.11
N ASN C 68 -4.46 16.60 -1.96
CA ASN C 68 -3.08 16.88 -1.60
C ASN C 68 -2.53 15.86 -0.61
N ASN C 69 -1.20 15.83 -0.50
CA ASN C 69 -0.54 14.89 0.39
C ASN C 69 -0.04 15.53 1.69
N ASP C 70 -0.42 16.78 1.98
CA ASP C 70 0.00 17.43 3.22
C ASP C 70 -0.48 16.65 4.45
N ALA D 1 5.63 7.27 -25.50
CA ALA D 1 6.81 7.60 -24.72
C ALA D 1 6.56 7.34 -23.24
N ASP D 2 7.60 6.96 -22.50
CA ASP D 2 7.47 6.84 -21.05
C ASP D 2 7.63 8.24 -20.46
N CYS D 3 6.52 8.84 -20.03
CA CYS D 3 6.55 10.25 -19.67
C CYS D 3 7.01 10.45 -18.24
N ALA D 4 6.49 9.65 -17.33
CA ALA D 4 6.82 9.87 -15.92
C ALA D 4 6.75 8.55 -15.18
N LYS D 5 7.59 8.40 -14.17
CA LYS D 5 7.46 7.21 -13.33
C LYS D 5 7.77 7.65 -11.92
N GLY D 6 6.75 7.67 -11.08
CA GLY D 6 6.95 8.19 -9.73
C GLY D 6 5.66 8.14 -8.95
N LYS D 7 5.70 8.76 -7.78
CA LYS D 7 4.55 8.81 -6.91
C LYS D 7 3.64 9.97 -7.31
N ILE D 8 2.37 9.83 -6.96
CA ILE D 8 1.40 10.88 -7.28
C ILE D 8 1.51 11.97 -6.22
N GLU D 9 1.96 13.15 -6.63
CA GLU D 9 2.16 14.26 -5.69
C GLU D 9 0.83 14.94 -5.36
N PHE D 10 -0.06 15.03 -6.34
CA PHE D 10 -1.45 15.36 -6.05
C PHE D 10 -2.32 14.82 -7.18
N SER D 11 -3.62 14.74 -6.90
CA SER D 11 -4.60 14.46 -7.94
C SER D 11 -5.66 15.55 -7.90
N LYS D 12 -6.35 15.71 -9.01
CA LYS D 12 -7.36 16.75 -9.13
C LYS D 12 -8.49 16.26 -10.01
N TYR D 13 -9.71 16.41 -9.55
CA TYR D 13 -10.89 16.18 -10.38
C TYR D 13 -11.18 17.49 -11.09
N ASN D 14 -11.24 17.47 -12.42
CA ASN D 14 -11.32 18.68 -13.21
C ASN D 14 -12.77 18.99 -13.58
N GLU D 15 -13.02 20.25 -13.93
CA GLU D 15 -14.37 20.70 -14.22
C GLU D 15 -14.96 20.01 -15.45
N ASP D 16 -14.11 19.55 -16.37
CA ASP D 16 -14.58 18.80 -17.53
C ASP D 16 -14.68 17.30 -17.25
N ASP D 17 -14.57 16.91 -15.99
CA ASP D 17 -14.69 15.52 -15.51
C ASP D 17 -13.46 14.67 -15.81
N THR D 18 -12.42 15.23 -16.41
CA THR D 18 -11.18 14.48 -16.49
C THR D 18 -10.46 14.54 -15.14
N PHE D 19 -9.36 13.82 -15.03
CA PHE D 19 -8.70 13.59 -13.74
C PHE D 19 -7.21 13.77 -13.95
N THR D 20 -6.59 14.60 -13.15
CA THR D 20 -5.19 14.97 -13.33
C THR D 20 -4.36 14.40 -12.18
N VAL D 21 -3.19 13.89 -12.50
CA VAL D 21 -2.21 13.55 -11.48
C VAL D 21 -0.93 14.30 -11.78
N LYS D 22 -0.21 14.66 -10.72
CA LYS D 22 1.12 15.25 -10.86
C LYS D 22 2.14 14.18 -10.49
N VAL D 23 3.01 13.85 -11.43
CA VAL D 23 4.00 12.79 -11.26
C VAL D 23 5.33 13.35 -11.75
N ASP D 24 6.37 13.19 -10.94
CA ASP D 24 7.72 13.65 -11.26
C ASP D 24 7.71 15.10 -11.77
N GLY D 25 6.93 15.95 -11.10
CA GLY D 25 6.93 17.36 -11.39
C GLY D 25 6.11 17.80 -12.59
N LYS D 26 5.41 16.89 -13.26
CA LYS D 26 4.60 17.26 -14.40
C LYS D 26 3.17 16.77 -14.21
N GLU D 27 2.22 17.51 -14.78
CA GLU D 27 0.80 17.21 -14.66
C GLU D 27 0.28 16.51 -15.90
N TYR D 28 -0.54 15.49 -15.68
CA TYR D 28 -1.09 14.68 -16.76
C TYR D 28 -2.56 14.42 -16.47
N TRP D 29 -3.40 14.53 -17.48
CA TRP D 29 -4.84 14.33 -17.30
C TRP D 29 -5.28 13.10 -18.08
N THR D 30 -6.36 12.50 -17.61
CA THR D 30 -6.97 11.38 -18.32
C THR D 30 -8.48 11.54 -18.29
N SER D 31 -9.12 11.25 -19.42
CA SER D 31 -10.57 11.17 -19.45
C SER D 31 -11.09 9.76 -19.17
N ARG D 32 -10.20 8.78 -18.98
CA ARG D 32 -10.63 7.38 -18.80
C ARG D 32 -11.31 7.25 -17.44
N TRP D 33 -12.63 7.02 -17.46
CA TRP D 33 -13.39 7.01 -16.21
C TRP D 33 -12.88 5.92 -15.27
N ASN D 34 -12.49 4.77 -15.83
CA ASN D 34 -12.08 3.65 -14.99
C ASN D 34 -10.89 4.02 -14.12
N LEU D 35 -10.08 4.98 -14.55
CA LEU D 35 -8.83 5.25 -13.87
C LEU D 35 -9.00 6.09 -12.61
N GLN D 36 -10.16 6.74 -12.41
CA GLN D 36 -10.20 7.70 -11.29
C GLN D 36 -10.02 7.04 -9.93
N PRO D 37 -10.78 5.99 -9.54
CA PRO D 37 -10.49 5.37 -8.25
C PRO D 37 -9.08 4.76 -8.20
N LEU D 38 -8.65 4.17 -9.32
CA LEU D 38 -7.35 3.49 -9.33
C LEU D 38 -6.23 4.49 -9.05
N LEU D 39 -6.30 5.65 -9.69
CA LEU D 39 -5.27 6.65 -9.46
C LEU D 39 -5.32 7.15 -8.03
N GLN D 40 -6.52 7.36 -7.48
CA GLN D 40 -6.54 7.82 -6.10
C GLN D 40 -6.00 6.73 -5.19
N SER D 41 -6.31 5.47 -5.49
CA SER D 41 -5.79 4.39 -4.65
C SER D 41 -4.28 4.38 -4.72
N ALA D 42 -3.72 4.63 -5.91
CA ALA D 42 -2.28 4.71 -6.04
C ALA D 42 -1.70 5.82 -5.17
N GLN D 43 -2.33 7.00 -5.23
CA GLN D 43 -1.85 8.12 -4.44
C GLN D 43 -1.92 7.79 -2.95
N LEU D 44 -3.00 7.11 -2.55
CA LEU D 44 -3.19 6.83 -1.13
C LEU D 44 -2.14 5.86 -0.63
N THR D 45 -1.68 4.95 -1.48
CA THR D 45 -0.77 3.92 -1.01
C THR D 45 0.65 4.19 -1.45
N GLY D 46 0.90 5.35 -2.03
CA GLY D 46 2.24 5.67 -2.50
C GLY D 46 2.75 4.73 -3.57
N MET D 47 1.86 4.22 -4.42
CA MET D 47 2.33 3.40 -5.54
C MET D 47 3.18 4.21 -6.49
N THR D 48 4.13 3.54 -7.14
CA THR D 48 4.81 4.17 -8.27
C THR D 48 3.97 3.95 -9.51
N VAL D 49 3.56 5.03 -10.16
CA VAL D 49 2.82 4.91 -11.41
C VAL D 49 3.74 5.33 -12.55
N THR D 50 3.55 4.65 -13.68
CA THR D 50 4.24 4.95 -14.91
C THR D 50 3.21 5.49 -15.89
N ILE D 51 3.34 6.77 -16.22
CA ILE D 51 2.46 7.44 -17.19
C ILE D 51 3.13 7.34 -18.56
N LYS D 52 2.40 6.77 -19.53
CA LYS D 52 2.89 6.70 -20.89
C LYS D 52 1.94 7.48 -21.80
N SER D 53 2.51 8.27 -22.72
CA SER D 53 1.68 9.03 -23.65
C SER D 53 2.53 9.41 -24.85
N SER D 54 1.83 9.79 -25.92
CA SER D 54 2.52 10.24 -27.14
C SER D 54 3.25 11.57 -26.95
N THR D 55 2.82 12.40 -26.00
CA THR D 55 3.54 13.63 -25.62
C THR D 55 3.70 13.63 -24.11
N CYS D 56 4.84 14.14 -23.63
CA CYS D 56 5.14 14.08 -22.21
C CYS D 56 5.24 15.44 -21.54
N GLU D 57 5.04 16.52 -22.28
CA GLU D 57 5.00 17.85 -21.67
C GLU D 57 3.90 17.89 -20.62
N SER D 58 4.16 18.67 -19.56
CA SER D 58 3.13 18.91 -18.56
C SER D 58 1.87 19.42 -19.24
N GLY D 59 0.72 18.86 -18.84
CA GLY D 59 -0.53 19.19 -19.49
C GLY D 59 -0.93 18.23 -20.59
N SER D 60 -0.13 17.20 -20.83
CA SER D 60 -0.48 16.18 -21.82
C SER D 60 -1.52 15.23 -21.24
N GLY D 61 -2.27 14.62 -22.14
CA GLY D 61 -3.23 13.63 -21.72
C GLY D 61 -2.65 12.24 -21.79
N PHE D 62 -3.28 11.31 -21.08
CA PHE D 62 -2.83 9.94 -21.13
C PHE D 62 -4.02 8.99 -20.96
N ALA D 63 -3.82 7.77 -21.44
CA ALA D 63 -4.77 6.70 -21.22
C ALA D 63 -4.09 5.43 -20.75
N GLU D 64 -2.76 5.41 -20.68
CA GLU D 64 -2.00 4.23 -20.32
C GLU D 64 -1.19 4.52 -19.06
N VAL D 65 -1.36 3.67 -18.05
CA VAL D 65 -0.65 3.86 -16.79
C VAL D 65 -0.41 2.50 -16.15
N GLN D 66 0.81 2.30 -15.65
CA GLN D 66 1.16 1.10 -14.92
C GLN D 66 1.23 1.41 -13.43
N PHE D 67 0.72 0.48 -12.61
CA PHE D 67 0.68 0.60 -11.16
C PHE D 67 1.68 -0.39 -10.57
N ASN D 68 2.74 0.12 -9.98
CA ASN D 68 3.76 -0.70 -9.35
C ASN D 68 3.71 -0.53 -7.85
N ASN D 69 4.08 -1.63 -7.18
CA ASN D 69 4.31 -1.59 -5.74
C ASN D 69 5.62 -0.89 -5.45
N ASP D 70 6.69 -1.30 -6.14
CA ASP D 70 8.06 -0.81 -5.88
C ASP D 70 8.33 0.63 -6.32
N ALA E 1 -9.05 -23.94 -15.88
CA ALA E 1 -7.73 -24.32 -15.41
C ALA E 1 -7.09 -23.18 -14.62
N ASP E 2 -6.21 -23.50 -13.69
CA ASP E 2 -5.51 -22.48 -12.90
C ASP E 2 -4.24 -22.07 -13.62
N CYS E 3 -4.25 -20.83 -14.15
CA CYS E 3 -3.15 -20.31 -14.97
C CYS E 3 -1.99 -19.82 -14.12
N ALA E 4 -2.29 -19.09 -13.04
CA ALA E 4 -1.27 -18.46 -12.22
C ALA E 4 -1.87 -18.24 -10.85
N LYS E 5 -1.04 -18.37 -9.82
CA LYS E 5 -1.48 -18.12 -8.46
C LYS E 5 -0.37 -17.36 -7.73
N GLY E 6 -0.76 -16.26 -7.11
CA GLY E 6 0.23 -15.45 -6.41
C GLY E 6 -0.30 -14.07 -6.14
N LYS E 7 0.56 -13.26 -5.54
CA LYS E 7 0.24 -11.86 -5.36
C LYS E 7 0.41 -11.14 -6.70
N ILE E 8 -0.26 -10.00 -6.84
CA ILE E 8 -0.17 -9.24 -8.08
C ILE E 8 1.08 -8.38 -8.03
N GLU E 9 1.99 -8.61 -8.99
CA GLU E 9 3.26 -7.89 -9.00
C GLU E 9 3.08 -6.47 -9.52
N PHE E 10 2.33 -6.32 -10.60
CA PHE E 10 1.92 -5.00 -11.06
C PHE E 10 0.63 -5.16 -11.87
N SER E 11 -0.02 -4.02 -12.09
CA SER E 11 -1.18 -3.93 -12.96
C SER E 11 -0.99 -2.74 -13.88
N LYS E 12 -1.73 -2.73 -14.99
CA LYS E 12 -1.52 -1.71 -16.00
C LYS E 12 -2.76 -1.60 -16.86
N TYR E 13 -3.22 -0.37 -17.08
CA TYR E 13 -4.29 -0.13 -18.01
C TYR E 13 -3.69 0.37 -19.31
N ASN E 14 -4.12 -0.22 -20.43
CA ASN E 14 -3.53 0.04 -21.73
C ASN E 14 -4.46 0.91 -22.56
N GLU E 15 -3.88 1.65 -23.53
CA GLU E 15 -4.68 2.55 -24.36
C GLU E 15 -5.80 1.80 -25.06
N ASP E 16 -5.60 0.53 -25.38
CA ASP E 16 -6.59 -0.31 -26.05
C ASP E 16 -7.64 -0.90 -25.10
N ASP E 17 -7.83 -0.30 -23.92
CA ASP E 17 -8.87 -0.71 -22.98
C ASP E 17 -8.73 -2.18 -22.52
N THR E 18 -7.49 -2.60 -22.26
CA THR E 18 -7.24 -3.86 -21.57
C THR E 18 -6.52 -3.56 -20.26
N PHE E 19 -6.69 -4.44 -19.29
CA PHE E 19 -6.10 -4.29 -17.95
C PHE E 19 -5.24 -5.52 -17.70
N THR E 20 -3.94 -5.32 -17.66
CA THR E 20 -2.97 -6.38 -17.48
C THR E 20 -2.60 -6.52 -16.01
N VAL E 21 -2.49 -7.76 -15.55
CA VAL E 21 -1.85 -8.02 -14.26
C VAL E 21 -0.75 -9.04 -14.48
N LYS E 22 0.28 -8.94 -13.64
CA LYS E 22 1.36 -9.92 -13.64
C LYS E 22 1.28 -10.73 -12.35
N VAL E 23 1.18 -12.04 -12.48
CA VAL E 23 1.05 -12.94 -11.35
C VAL E 23 2.02 -14.11 -11.57
N ASP E 24 2.89 -14.36 -10.60
CA ASP E 24 3.83 -15.48 -10.65
C ASP E 24 4.63 -15.48 -11.95
N GLY E 25 5.12 -14.29 -12.30
CA GLY E 25 5.93 -14.13 -13.50
C GLY E 25 5.21 -14.18 -14.83
N LYS E 26 3.88 -14.24 -14.87
CA LYS E 26 3.17 -14.30 -16.13
C LYS E 26 2.14 -13.17 -16.23
N GLU E 27 1.97 -12.64 -17.44
CA GLU E 27 1.06 -11.52 -17.67
C GLU E 27 -0.23 -12.02 -18.30
N TYR E 28 -1.36 -11.51 -17.80
CA TYR E 28 -2.69 -11.81 -18.32
C TYR E 28 -3.47 -10.51 -18.36
N TRP E 29 -4.51 -10.47 -19.18
CA TRP E 29 -5.26 -9.23 -19.31
C TRP E 29 -6.75 -9.51 -19.29
N THR E 30 -7.51 -8.51 -18.89
CA THR E 30 -8.96 -8.59 -18.90
C THR E 30 -9.51 -7.26 -19.35
N SER E 31 -10.62 -7.30 -20.09
CA SER E 31 -11.29 -6.06 -20.42
C SER E 31 -12.56 -5.86 -19.60
N ARG E 32 -12.79 -6.71 -18.61
CA ARG E 32 -13.90 -6.51 -17.69
C ARG E 32 -13.57 -5.38 -16.74
N TRP E 33 -14.27 -4.25 -16.85
CA TRP E 33 -14.02 -3.16 -15.92
C TRP E 33 -14.37 -3.57 -14.50
N ASN E 34 -15.34 -4.48 -14.31
CA ASN E 34 -15.62 -4.99 -12.98
C ASN E 34 -14.35 -5.44 -12.28
N LEU E 35 -13.43 -6.05 -13.04
CA LEU E 35 -12.24 -6.62 -12.42
C LEU E 35 -11.16 -5.58 -12.09
N GLN E 36 -11.25 -4.37 -12.63
CA GLN E 36 -10.18 -3.41 -12.35
C GLN E 36 -10.09 -3.04 -10.87
N PRO E 37 -11.15 -2.58 -10.21
CA PRO E 37 -11.02 -2.27 -8.77
C PRO E 37 -10.75 -3.51 -7.95
N LEU E 38 -11.36 -4.64 -8.34
CA LEU E 38 -11.14 -5.88 -7.59
C LEU E 38 -9.69 -6.30 -7.66
N LEU E 39 -9.12 -6.27 -8.86
CA LEU E 39 -7.72 -6.65 -9.01
C LEU E 39 -6.79 -5.65 -8.36
N GLN E 40 -7.08 -4.34 -8.49
CA GLN E 40 -6.18 -3.38 -7.88
C GLN E 40 -6.23 -3.46 -6.36
N SER E 41 -7.43 -3.63 -5.78
CA SER E 41 -7.51 -3.82 -4.34
C SER E 41 -6.76 -5.07 -3.92
N ALA E 42 -6.89 -6.16 -4.69
CA ALA E 42 -6.09 -7.35 -4.42
C ALA E 42 -4.61 -7.03 -4.45
N GLN E 43 -4.17 -6.22 -5.41
CA GLN E 43 -2.76 -5.88 -5.52
C GLN E 43 -2.28 -5.10 -4.31
N LEU E 44 -3.05 -4.08 -3.90
CA LEU E 44 -2.56 -3.20 -2.85
C LEU E 44 -2.71 -3.81 -1.47
N THR E 45 -3.55 -4.83 -1.31
CA THR E 45 -3.71 -5.51 -0.02
C THR E 45 -2.95 -6.82 0.08
N GLY E 46 -2.28 -7.24 -1.00
CA GLY E 46 -1.50 -8.46 -0.93
C GLY E 46 -2.31 -9.74 -0.96
N MET E 47 -3.52 -9.70 -1.51
CA MET E 47 -4.28 -10.92 -1.71
C MET E 47 -3.55 -11.86 -2.66
N THR E 48 -3.76 -13.15 -2.44
CA THR E 48 -3.38 -14.18 -3.40
C THR E 48 -4.49 -14.31 -4.43
N VAL E 49 -4.18 -14.08 -5.70
CA VAL E 49 -5.17 -14.28 -6.74
C VAL E 49 -4.81 -15.53 -7.52
N THR E 50 -5.84 -16.22 -8.00
CA THR E 50 -5.71 -17.36 -8.89
C THR E 50 -6.41 -17.01 -10.20
N ILE E 51 -5.62 -16.76 -11.25
CA ILE E 51 -6.16 -16.51 -12.59
C ILE E 51 -6.61 -17.84 -13.18
N LYS E 52 -7.83 -17.87 -13.72
CA LYS E 52 -8.42 -19.09 -14.23
C LYS E 52 -8.91 -18.84 -15.65
N SER E 53 -8.65 -19.80 -16.53
CA SER E 53 -9.11 -19.68 -17.90
C SER E 53 -9.23 -21.08 -18.48
N SER E 54 -9.97 -21.19 -19.58
CA SER E 54 -10.07 -22.48 -20.26
C SER E 54 -8.69 -22.92 -20.77
N THR E 55 -7.98 -22.00 -21.42
CA THR E 55 -6.61 -22.20 -21.84
C THR E 55 -5.75 -21.12 -21.18
N CYS E 56 -4.59 -21.53 -20.67
CA CYS E 56 -3.73 -20.64 -19.89
C CYS E 56 -2.54 -20.11 -20.68
N GLU E 57 -2.75 -19.84 -21.97
CA GLU E 57 -1.70 -19.23 -22.78
C GLU E 57 -1.19 -17.96 -22.12
N SER E 58 0.13 -17.76 -22.17
CA SER E 58 0.70 -16.51 -21.66
C SER E 58 0.18 -15.34 -22.48
N GLY E 59 -0.09 -14.23 -21.79
CA GLY E 59 -0.66 -13.07 -22.44
C GLY E 59 -2.10 -13.21 -22.90
N SER E 60 -2.81 -14.23 -22.42
CA SER E 60 -4.19 -14.45 -22.84
C SER E 60 -5.16 -13.67 -21.96
N GLY E 61 -6.38 -13.48 -22.46
CA GLY E 61 -7.39 -12.82 -21.70
C GLY E 61 -7.94 -13.73 -20.61
N PHE E 62 -8.55 -13.11 -19.60
CA PHE E 62 -9.18 -13.89 -18.56
C PHE E 62 -10.37 -13.12 -18.04
N ALA E 63 -11.33 -13.86 -17.49
CA ALA E 63 -12.48 -13.26 -16.81
C ALA E 63 -12.92 -14.11 -15.61
N GLU E 64 -12.06 -15.01 -15.14
CA GLU E 64 -12.30 -15.75 -13.91
C GLU E 64 -11.06 -15.61 -13.02
N VAL E 65 -11.28 -15.19 -11.78
CA VAL E 65 -10.15 -15.04 -10.87
C VAL E 65 -10.66 -15.20 -9.44
N GLN E 66 -9.96 -16.03 -8.69
CA GLN E 66 -10.23 -16.22 -7.28
C GLN E 66 -9.35 -15.29 -6.45
N PHE E 67 -9.91 -14.83 -5.35
CA PHE E 67 -9.25 -13.92 -4.41
C PHE E 67 -9.20 -14.58 -3.04
N ASN E 68 -7.99 -14.66 -2.48
CA ASN E 68 -7.78 -15.20 -1.13
C ASN E 68 -6.95 -14.22 -0.32
N ASN E 69 -7.29 -14.09 0.97
CA ASN E 69 -6.45 -13.28 1.84
C ASN E 69 -5.05 -13.86 1.97
N ASP E 70 -4.92 -15.18 1.96
CA ASP E 70 -3.61 -15.81 2.14
C ASP E 70 -3.19 -16.75 1.00
N ALA F 1 -34.26 -17.46 3.94
CA ALA F 1 -33.59 -18.14 5.05
C ALA F 1 -32.12 -17.74 5.14
N ASP F 2 -31.55 -17.87 6.33
CA ASP F 2 -30.12 -17.64 6.54
C ASP F 2 -29.36 -18.88 6.06
N CYS F 3 -28.70 -18.77 4.91
CA CYS F 3 -28.08 -19.94 4.31
C CYS F 3 -26.74 -20.26 4.94
N ALA F 4 -25.96 -19.23 5.27
CA ALA F 4 -24.60 -19.39 5.74
C ALA F 4 -24.19 -18.13 6.48
N LYS F 5 -23.42 -18.29 7.54
CA LYS F 5 -22.95 -17.15 8.31
C LYS F 5 -21.50 -17.38 8.69
N GLY F 6 -20.65 -16.41 8.38
CA GLY F 6 -19.25 -16.56 8.72
C GLY F 6 -18.41 -15.60 7.89
N LYS F 7 -17.10 -15.78 7.97
CA LYS F 7 -16.22 -14.93 7.18
C LYS F 7 -16.09 -15.50 5.78
N ILE F 8 -15.82 -14.63 4.81
CA ILE F 8 -15.66 -15.07 3.44
C ILE F 8 -14.32 -15.78 3.31
N GLU F 9 -14.36 -17.06 2.94
CA GLU F 9 -13.16 -17.88 2.84
C GLU F 9 -12.41 -17.62 1.54
N PHE F 10 -13.15 -17.49 0.44
CA PHE F 10 -12.58 -16.93 -0.77
C PHE F 10 -13.71 -16.28 -1.55
N SER F 11 -13.33 -15.43 -2.49
CA SER F 11 -14.28 -14.89 -3.44
C SER F 11 -13.73 -15.15 -4.83
N LYS F 12 -14.60 -15.05 -5.83
CA LYS F 12 -14.19 -15.44 -7.16
C LYS F 12 -15.07 -14.74 -8.17
N TYR F 13 -14.45 -13.99 -9.07
CA TYR F 13 -15.14 -13.42 -10.21
C TYR F 13 -15.28 -14.48 -11.30
N ASN F 14 -16.48 -14.61 -11.86
CA ASN F 14 -16.77 -15.67 -12.82
C ASN F 14 -16.94 -15.13 -14.23
N GLU F 15 -16.74 -16.02 -15.21
CA GLU F 15 -16.69 -15.56 -16.60
C GLU F 15 -18.01 -15.00 -17.10
N ASP F 16 -19.12 -15.37 -16.47
CA ASP F 16 -20.42 -14.80 -16.77
C ASP F 16 -20.71 -13.53 -15.96
N ASP F 17 -19.67 -12.95 -15.35
CA ASP F 17 -19.76 -11.73 -14.56
C ASP F 17 -20.61 -11.90 -13.30
N THR F 18 -20.82 -13.14 -12.85
CA THR F 18 -21.32 -13.35 -11.51
C THR F 18 -20.13 -13.45 -10.56
N PHE F 19 -20.43 -13.58 -9.27
CA PHE F 19 -19.42 -13.45 -8.22
C PHE F 19 -19.73 -14.46 -7.13
N THR F 20 -18.77 -15.33 -6.85
CA THR F 20 -18.93 -16.41 -5.90
C THR F 20 -18.22 -16.09 -4.60
N VAL F 21 -18.86 -16.40 -3.47
CA VAL F 21 -18.17 -16.37 -2.19
C VAL F 21 -18.38 -17.72 -1.52
N LYS F 22 -17.36 -18.13 -0.75
CA LYS F 22 -17.46 -19.33 0.08
C LYS F 22 -17.56 -18.88 1.54
N VAL F 23 -18.65 -19.27 2.19
CA VAL F 23 -18.93 -18.89 3.57
C VAL F 23 -19.34 -20.14 4.33
N ASP F 24 -18.69 -20.38 5.47
CA ASP F 24 -18.99 -21.55 6.30
C ASP F 24 -19.03 -22.84 5.49
N GLY F 25 -18.06 -22.97 4.58
CA GLY F 25 -17.90 -24.17 3.79
C GLY F 25 -18.83 -24.34 2.63
N LYS F 26 -19.67 -23.35 2.33
CA LYS F 26 -20.61 -23.46 1.23
C LYS F 26 -20.42 -22.30 0.25
N GLU F 27 -20.61 -22.58 -1.03
CA GLU F 27 -20.39 -21.59 -2.08
C GLU F 27 -21.72 -21.05 -2.60
N TYR F 28 -21.77 -19.73 -2.80
CA TYR F 28 -22.95 -19.05 -3.28
C TYR F 28 -22.50 -18.00 -4.29
N TRP F 29 -23.33 -17.75 -5.30
CA TRP F 29 -22.99 -16.80 -6.33
C TRP F 29 -24.08 -15.74 -6.44
N THR F 30 -23.67 -14.54 -6.83
CA THR F 30 -24.62 -13.47 -7.06
C THR F 30 -24.35 -12.84 -8.42
N SER F 31 -25.42 -12.46 -9.10
CA SER F 31 -25.32 -11.70 -10.33
C SER F 31 -25.43 -10.21 -10.09
N ARG F 32 -25.55 -9.77 -8.84
CA ARG F 32 -25.66 -8.35 -8.53
C ARG F 32 -24.26 -7.76 -8.52
N TRP F 33 -23.93 -6.96 -9.55
CA TRP F 33 -22.57 -6.47 -9.68
C TRP F 33 -22.19 -5.59 -8.50
N ASN F 34 -23.14 -4.84 -7.96
CA ASN F 34 -22.85 -3.95 -6.84
C ASN F 34 -22.26 -4.71 -5.67
N LEU F 35 -22.57 -6.00 -5.54
CA LEU F 35 -22.06 -6.77 -4.42
C LEU F 35 -20.59 -7.13 -4.56
N GLN F 36 -20.01 -7.05 -5.76
CA GLN F 36 -18.63 -7.53 -5.93
C GLN F 36 -17.63 -6.77 -5.04
N PRO F 37 -17.51 -5.44 -5.13
CA PRO F 37 -16.53 -4.78 -4.26
C PRO F 37 -16.94 -4.78 -2.79
N LEU F 38 -18.24 -4.77 -2.49
CA LEU F 38 -18.66 -4.82 -1.09
C LEU F 38 -18.25 -6.13 -0.44
N LEU F 39 -18.45 -7.24 -1.16
CA LEU F 39 -18.01 -8.52 -0.61
C LEU F 39 -16.50 -8.54 -0.51
N GLN F 40 -15.81 -7.93 -1.47
CA GLN F 40 -14.35 -7.94 -1.34
C GLN F 40 -13.93 -7.15 -0.12
N SER F 41 -14.57 -6.00 0.11
CA SER F 41 -14.23 -5.24 1.32
C SER F 41 -14.51 -6.09 2.54
N ALA F 42 -15.65 -6.79 2.55
CA ALA F 42 -15.98 -7.61 3.71
C ALA F 42 -14.94 -8.71 3.90
N GLN F 43 -14.52 -9.32 2.80
CA GLN F 43 -13.53 -10.39 2.90
C GLN F 43 -12.21 -9.84 3.41
N LEU F 44 -11.81 -8.66 2.91
CA LEU F 44 -10.53 -8.10 3.31
C LEU F 44 -10.50 -7.79 4.79
N THR F 45 -11.65 -7.39 5.34
CA THR F 45 -11.69 -6.86 6.69
C THR F 45 -12.23 -7.85 7.69
N GLY F 46 -12.53 -9.06 7.24
CA GLY F 46 -13.03 -10.09 8.13
C GLY F 46 -14.42 -9.82 8.68
N MET F 47 -15.28 -9.15 7.92
CA MET F 47 -16.65 -9.07 8.42
C MET F 47 -17.30 -10.44 8.40
N THR F 48 -18.26 -10.60 9.29
CA THR F 48 -19.11 -11.77 9.31
C THR F 48 -20.29 -11.48 8.38
N VAL F 49 -20.43 -12.29 7.34
CA VAL F 49 -21.52 -12.09 6.40
C VAL F 49 -22.55 -13.20 6.60
N THR F 50 -23.80 -12.83 6.39
CA THR F 50 -24.92 -13.78 6.42
C THR F 50 -25.55 -13.79 5.03
N ILE F 51 -25.37 -14.91 4.33
CA ILE F 51 -25.99 -15.12 3.03
C ILE F 51 -27.45 -15.47 3.24
N LYS F 52 -28.35 -14.79 2.55
CA LYS F 52 -29.78 -15.03 2.69
C LYS F 52 -30.38 -15.35 1.34
N SER F 53 -31.23 -16.37 1.29
CA SER F 53 -31.81 -16.84 0.03
C SER F 53 -32.90 -17.83 0.37
N SER F 54 -33.85 -17.98 -0.56
CA SER F 54 -34.86 -19.02 -0.43
C SER F 54 -34.34 -20.39 -0.82
N THR F 55 -33.16 -20.48 -1.43
CA THR F 55 -32.47 -21.73 -1.68
C THR F 55 -31.09 -21.64 -1.06
N CYS F 56 -30.75 -22.58 -0.19
CA CYS F 56 -29.50 -22.52 0.55
C CYS F 56 -28.54 -23.65 0.20
N GLU F 57 -28.84 -24.42 -0.85
CA GLU F 57 -27.91 -25.43 -1.33
C GLU F 57 -26.60 -24.77 -1.77
N SER F 58 -25.46 -25.35 -1.37
CA SER F 58 -24.19 -24.85 -1.85
C SER F 58 -24.18 -24.87 -3.38
N GLY F 59 -23.63 -23.81 -3.97
CA GLY F 59 -23.69 -23.62 -5.41
C GLY F 59 -24.87 -22.82 -5.89
N SER F 60 -25.76 -22.39 -5.00
CA SER F 60 -26.99 -21.69 -5.37
C SER F 60 -26.75 -20.18 -5.43
N GLY F 61 -27.77 -19.45 -5.92
CA GLY F 61 -27.64 -18.02 -6.07
C GLY F 61 -28.12 -17.26 -4.84
N PHE F 62 -27.69 -15.99 -4.75
CA PHE F 62 -28.18 -15.13 -3.68
C PHE F 62 -28.15 -13.68 -4.15
N ALA F 63 -29.01 -12.88 -3.55
CA ALA F 63 -28.96 -11.44 -3.76
C ALA F 63 -29.26 -10.68 -2.48
N GLU F 64 -29.22 -11.32 -1.33
CA GLU F 64 -29.39 -10.67 -0.04
C GLU F 64 -28.25 -11.10 0.86
N VAL F 65 -27.51 -10.15 1.41
CA VAL F 65 -26.43 -10.53 2.32
C VAL F 65 -26.27 -9.43 3.35
N GLN F 66 -26.17 -9.85 4.61
CA GLN F 66 -25.93 -8.93 5.71
C GLN F 66 -24.44 -8.90 6.03
N PHE F 67 -23.95 -7.70 6.40
CA PHE F 67 -22.55 -7.49 6.77
C PHE F 67 -22.50 -7.06 8.24
N ASN F 68 -21.77 -7.81 9.05
CA ASN F 68 -21.56 -7.47 10.46
C ASN F 68 -20.07 -7.34 10.75
N ASN F 69 -19.73 -6.43 11.66
CA ASN F 69 -18.40 -6.43 12.25
C ASN F 69 -18.38 -7.38 13.44
N ASP F 70 -17.19 -7.55 14.04
CA ASP F 70 -17.04 -8.32 15.27
C ASP F 70 -17.96 -7.77 16.36
N ARG G 2 8.97 9.88 -3.42
CA ARG G 2 10.33 9.37 -3.61
C ARG G 2 10.37 7.83 -3.52
N ARG G 3 11.01 7.23 -4.53
CA ARG G 3 11.09 5.79 -4.56
C ARG G 3 12.13 5.31 -3.55
N ARG G 4 12.03 4.05 -3.16
CA ARG G 4 12.81 3.57 -2.03
C ARG G 4 14.31 3.67 -2.31
N ARG G 5 15.03 4.27 -1.36
CA ARG G 5 16.48 4.45 -1.43
C ARG G 5 17.17 3.33 -0.65
N ALA G 6 18.35 2.95 -1.14
CA ALA G 6 19.18 1.94 -0.46
C ALA G 6 20.22 2.57 0.46
#